data_8GZY
#
_entry.id   8GZY
#
_cell.length_a   89.335
_cell.length_b   66.233
_cell.length_c   102.790
_cell.angle_alpha   90.000
_cell.angle_beta   92.674
_cell.angle_gamma   90.000
#
_symmetry.space_group_name_H-M   'P 1 21 1'
#
loop_
_entity.id
_entity.type
_entity.pdbx_description
1 polymer 'Cell division protein FtsZ'
2 polymer Monobody
3 non-polymer "GUANOSINE-5'-DIPHOSPHATE"
4 water water
#
loop_
_entity_poly.entity_id
_entity_poly.type
_entity_poly.pdbx_seq_one_letter_code
_entity_poly.pdbx_strand_id
1 'polypeptide(L)'
;GHMAVIKVIGVGGGGGNAVEHMVRERIEGVEFFAVNTDAQALRKTAVGQTIQIGSGITKGLGAGANPEVGRNAADEDRDA
LRAALEGADMVFIAAGMGGGTGTGAAPVVAEVAKDLGILTVAVVTKPFNFEGKKRMAFAEQGITELSKHVDSLITIPNDK
LLKVLGRGISLLDAFGAANDVLKGAVQGIAELITRPGLMNVDFADVRTVMSEMGYAMMGSGVASGEDRAEEAAEMAISSP
LLEDIDLSGARGVLVNITAGFDLRLDEFETVGNTIRAFASDNATVVIGTSLDPDMNDELRVTVVATGIG
;
A,C,E
2 'polypeptide(L)'
;GSVSSVPTKLEVVAATPTSLLISWDAPAVTVSYYRITYGETGGNSPVQEFTVPGSKSTATISGLSPGVDYTITVYARSAY
HRRSPISINYRT
;
B,D,F
#
loop_
_chem_comp.id
_chem_comp.type
_chem_comp.name
_chem_comp.formula
GDP RNA linking GUANOSINE-5'-DIPHOSPHATE 'C10 H15 N5 O11 P2'
#
# COMPACT_ATOMS: atom_id res chain seq x y z
N ALA A 4 29.77 -2.11 11.01
CA ALA A 4 31.01 -2.89 10.87
C ALA A 4 32.25 -2.00 10.83
N VAL A 5 33.27 -2.41 11.56
CA VAL A 5 34.52 -1.65 11.67
C VAL A 5 35.55 -2.37 10.79
N ILE A 6 36.02 -1.67 9.77
CA ILE A 6 36.96 -2.23 8.79
C ILE A 6 38.27 -1.47 8.91
N LYS A 7 39.33 -2.21 9.22
CA LYS A 7 40.67 -1.67 9.38
C LYS A 7 41.56 -2.16 8.25
N VAL A 8 42.29 -1.25 7.64
CA VAL A 8 43.22 -1.57 6.56
C VAL A 8 44.62 -1.23 7.04
N ILE A 9 45.56 -2.16 6.87
CA ILE A 9 46.88 -2.07 7.46
C ILE A 9 47.96 -2.39 6.43
N GLY A 10 48.65 -1.35 5.95
CA GLY A 10 49.79 -1.55 5.08
C GLY A 10 51.05 -1.77 5.87
N VAL A 11 51.50 -3.03 5.93
CA VAL A 11 52.75 -3.38 6.58
C VAL A 11 53.87 -3.37 5.55
N GLY A 12 54.91 -2.59 5.82
CA GLY A 12 56.11 -2.62 5.01
C GLY A 12 56.25 -1.36 4.15
N GLY A 13 57.37 -1.32 3.43
CA GLY A 13 57.64 -0.24 2.50
C GLY A 13 56.64 -0.20 1.37
N GLY A 14 56.53 -1.31 0.63
CA GLY A 14 55.55 -1.41 -0.44
C GLY A 14 54.15 -1.22 0.08
N GLY A 15 53.76 -2.04 1.08
CA GLY A 15 52.45 -1.91 1.68
C GLY A 15 52.13 -0.50 2.10
N GLY A 16 53.09 0.17 2.76
CA GLY A 16 52.93 1.54 3.18
C GLY A 16 52.45 2.48 2.10
N ASN A 17 53.26 2.68 1.05
CA ASN A 17 52.90 3.59 -0.04
C ASN A 17 51.57 3.22 -0.67
N ALA A 18 51.23 1.93 -0.67
CA ALA A 18 49.95 1.49 -1.21
C ALA A 18 48.78 2.04 -0.39
N VAL A 19 48.84 1.95 0.94
CA VAL A 19 47.69 2.42 1.71
C VAL A 19 47.62 3.95 1.78
N GLU A 20 48.76 4.66 1.67
CA GLU A 20 48.66 6.11 1.59
C GLU A 20 48.12 6.56 0.24
N HIS A 21 48.38 5.79 -0.83
CA HIS A 21 47.62 5.95 -2.05
C HIS A 21 46.12 5.73 -1.80
N MET A 22 45.77 4.85 -0.86
CA MET A 22 44.36 4.69 -0.51
C MET A 22 43.88 5.75 0.48
N VAL A 23 44.78 6.40 1.23
CA VAL A 23 44.34 7.52 2.05
C VAL A 23 44.15 8.76 1.17
N ARG A 24 45.14 9.06 0.32
CA ARG A 24 45.07 10.23 -0.54
C ARG A 24 43.89 10.13 -1.52
N GLU A 25 43.76 9.00 -2.21
CA GLU A 25 42.62 8.77 -3.10
C GLU A 25 41.35 8.45 -2.31
N ARG A 26 41.51 8.13 -1.02
CA ARG A 26 40.44 7.91 -0.05
C ARG A 26 39.60 6.66 -0.34
N ILE A 27 39.52 5.74 0.62
CA ILE A 27 38.55 4.66 0.58
C ILE A 27 37.52 4.95 1.66
N GLU A 28 36.28 4.59 1.38
CA GLU A 28 35.12 5.23 1.97
C GLU A 28 34.59 4.42 3.16
N GLY A 29 34.55 5.06 4.33
CA GLY A 29 34.13 4.40 5.55
C GLY A 29 35.08 3.35 6.07
N VAL A 30 36.40 3.59 5.97
CA VAL A 30 37.43 2.64 6.36
C VAL A 30 38.55 3.39 7.09
N GLU A 31 39.22 2.70 8.01
CA GLU A 31 40.28 3.30 8.83
C GLU A 31 41.64 2.73 8.45
N PHE A 32 42.58 3.61 8.11
CA PHE A 32 43.88 3.21 7.57
C PHE A 32 44.98 3.30 8.60
N PHE A 33 45.90 2.32 8.55
CA PHE A 33 47.00 2.16 9.49
C PHE A 33 48.30 1.91 8.75
N ALA A 34 49.36 2.57 9.17
CA ALA A 34 50.70 2.36 8.63
C ALA A 34 51.55 1.60 9.63
N VAL A 35 52.12 0.47 9.19
CA VAL A 35 53.00 -0.34 10.03
C VAL A 35 54.38 -0.41 9.37
N ASN A 36 55.43 -0.10 10.12
CA ASN A 36 56.79 -0.24 9.61
C ASN A 36 57.79 -0.40 10.76
N THR A 37 59.01 -0.79 10.38
CA THR A 37 60.20 -0.72 11.23
C THR A 37 60.98 0.57 11.00
N ASP A 38 61.13 0.98 9.73
CA ASP A 38 61.78 2.23 9.38
C ASP A 38 60.92 3.40 9.85
N ALA A 39 61.40 4.13 10.87
CA ALA A 39 60.63 5.24 11.41
C ALA A 39 60.53 6.43 10.47
N GLN A 40 61.46 6.56 9.53
CA GLN A 40 61.41 7.67 8.58
C GLN A 40 60.15 7.62 7.74
N ALA A 41 59.79 6.43 7.26
CA ALA A 41 58.61 6.30 6.40
C ALA A 41 57.36 6.75 7.14
N LEU A 42 57.27 6.42 8.42
CA LEU A 42 56.07 6.76 9.20
C LEU A 42 55.91 8.28 9.30
N ARG A 43 57.01 9.00 9.55
CA ARG A 43 56.95 10.47 9.55
C ARG A 43 56.62 11.01 8.16
N LYS A 44 57.12 10.35 7.12
CA LYS A 44 56.92 10.81 5.75
C LYS A 44 55.47 10.61 5.30
N THR A 45 55.01 9.37 5.33
CA THR A 45 53.68 9.03 4.86
C THR A 45 52.60 9.82 5.62
N ALA A 46 51.53 10.12 4.90
CA ALA A 46 50.40 10.85 5.45
C ALA A 46 49.24 9.85 5.48
N VAL A 47 49.10 9.17 6.62
CA VAL A 47 48.06 8.18 6.83
C VAL A 47 47.21 8.51 8.06
N GLY A 48 47.83 9.03 9.12
CA GLY A 48 47.10 9.34 10.32
C GLY A 48 47.54 8.49 11.49
N GLN A 49 47.45 7.18 11.35
CA GLN A 49 47.84 6.24 12.41
C GLN A 49 48.99 5.42 11.89
N THR A 50 50.19 5.77 12.33
CA THR A 50 51.38 4.99 12.02
C THR A 50 51.72 4.10 13.21
N ILE A 51 52.11 2.86 12.93
CA ILE A 51 52.56 1.91 13.94
C ILE A 51 54.02 1.60 13.68
N GLN A 52 54.88 1.86 14.67
CA GLN A 52 56.31 1.57 14.57
C GLN A 52 56.64 0.31 15.36
N ILE A 53 56.95 -0.77 14.66
CA ILE A 53 57.30 -2.01 15.32
C ILE A 53 58.82 -2.13 15.43
N GLY A 54 59.26 -2.98 16.37
CA GLY A 54 60.65 -3.37 16.49
C GLY A 54 61.62 -2.30 16.95
N SER A 55 61.14 -1.24 17.60
CA SER A 55 61.93 -0.08 18.00
C SER A 55 63.29 -0.41 18.62
N GLY A 56 63.43 -1.60 19.20
CA GLY A 56 64.69 -2.02 19.78
C GLY A 56 65.57 -2.89 18.89
N ILE A 57 65.05 -4.05 18.48
CA ILE A 57 65.80 -5.03 17.70
C ILE A 57 66.08 -4.52 16.29
N THR A 58 65.60 -3.32 15.98
CA THR A 58 65.90 -2.64 14.73
C THR A 58 66.53 -1.28 14.94
N LYS A 59 66.26 -0.64 16.08
CA LYS A 59 66.60 0.75 16.37
C LYS A 59 65.75 1.72 15.58
N GLY A 60 64.70 1.24 14.91
CA GLY A 60 63.94 2.08 14.00
C GLY A 60 64.72 2.44 12.75
N LEU A 61 65.45 1.49 12.19
CA LEU A 61 66.28 1.71 11.01
C LEU A 61 65.96 0.68 9.93
N GLY A 62 64.70 0.28 9.82
CA GLY A 62 64.31 -0.61 8.75
C GLY A 62 64.75 -2.04 8.95
N ALA A 63 64.31 -2.95 8.07
CA ALA A 63 64.54 -4.37 8.25
C ALA A 63 65.61 -4.91 7.33
N GLY A 64 66.49 -4.03 6.82
CA GLY A 64 67.55 -4.40 5.89
C GLY A 64 67.13 -5.32 4.75
N ALA A 65 65.88 -5.18 4.28
CA ALA A 65 65.27 -6.08 3.30
C ALA A 65 65.30 -7.54 3.77
N ASN A 66 65.33 -7.73 5.09
CA ASN A 66 65.58 -9.04 5.71
C ASN A 66 64.32 -9.54 6.44
N PRO A 67 63.62 -10.55 5.91
CA PRO A 67 62.34 -10.93 6.51
C PRO A 67 62.46 -11.40 7.94
N GLU A 68 63.58 -12.02 8.33
CA GLU A 68 63.68 -12.59 9.66
C GLU A 68 63.48 -11.53 10.72
N VAL A 69 64.14 -10.37 10.58
CA VAL A 69 63.90 -9.32 11.55
C VAL A 69 62.50 -8.73 11.39
N GLY A 70 61.91 -8.84 10.21
CA GLY A 70 60.52 -8.41 10.05
C GLY A 70 59.60 -9.10 11.04
N ARG A 71 59.64 -10.44 11.06
CA ARG A 71 58.83 -11.20 12.01
C ARG A 71 59.19 -10.87 13.46
N ASN A 72 60.47 -10.60 13.73
CA ASN A 72 60.89 -10.32 15.10
C ASN A 72 60.39 -8.95 15.57
N ALA A 73 60.58 -7.92 14.75
CA ALA A 73 60.14 -6.57 15.10
C ALA A 73 58.65 -6.51 15.45
N ALA A 74 57.85 -7.42 14.92
CA ALA A 74 56.44 -7.50 15.26
C ALA A 74 56.13 -8.58 16.30
N ASP A 75 56.93 -9.65 16.35
CA ASP A 75 56.82 -10.61 17.45
C ASP A 75 57.17 -9.92 18.76
N GLU A 76 57.62 -8.67 18.68
CA GLU A 76 57.81 -7.81 19.83
C GLU A 76 56.51 -7.17 20.28
N ASP A 77 55.87 -6.42 19.38
CA ASP A 77 54.74 -5.54 19.71
C ASP A 77 53.38 -6.14 19.36
N ARG A 78 53.19 -7.46 19.49
CA ARG A 78 51.86 -8.02 19.26
C ARG A 78 50.79 -7.28 20.05
N ASP A 79 51.12 -6.79 21.25
CA ASP A 79 50.14 -6.05 22.02
C ASP A 79 49.94 -4.64 21.48
N ALA A 80 50.96 -4.03 20.88
CA ALA A 80 50.76 -2.76 20.17
C ALA A 80 49.90 -2.96 18.93
N LEU A 81 50.16 -4.03 18.18
CA LEU A 81 49.27 -4.39 17.07
C LEU A 81 47.86 -4.64 17.57
N ARG A 82 47.72 -5.51 18.58
CA ARG A 82 46.41 -5.80 19.15
C ARG A 82 45.72 -4.54 19.64
N ALA A 83 46.49 -3.56 20.11
CA ALA A 83 45.89 -2.35 20.65
C ALA A 83 45.12 -1.58 19.58
N ALA A 84 45.76 -1.36 18.43
CA ALA A 84 45.09 -0.73 17.30
C ALA A 84 44.10 -1.65 16.62
N LEU A 85 44.24 -2.96 16.80
CA LEU A 85 43.42 -3.93 16.08
C LEU A 85 42.10 -4.16 16.77
N GLU A 86 42.10 -4.19 18.11
CA GLU A 86 40.96 -4.63 18.91
C GLU A 86 39.71 -3.86 18.51
N GLY A 87 38.66 -4.59 18.14
CA GLY A 87 37.37 -4.02 17.82
C GLY A 87 37.01 -4.03 16.35
N ALA A 88 37.95 -4.30 15.47
CA ALA A 88 37.62 -4.43 14.07
C ALA A 88 36.73 -5.66 13.86
N ASP A 89 35.98 -5.65 12.77
CA ASP A 89 35.32 -6.87 12.35
C ASP A 89 36.05 -7.55 11.20
N MET A 90 36.60 -6.74 10.29
CA MET A 90 37.40 -7.20 9.17
C MET A 90 38.65 -6.35 9.08
N VAL A 91 39.80 -7.01 8.83
CA VAL A 91 41.08 -6.33 8.60
C VAL A 91 41.62 -6.74 7.23
N PHE A 92 42.03 -5.73 6.44
CA PHE A 92 42.81 -5.95 5.23
C PHE A 92 44.26 -5.63 5.52
N ILE A 93 45.14 -6.60 5.32
CA ILE A 93 46.57 -6.38 5.43
C ILE A 93 47.14 -6.31 4.01
N ALA A 94 47.83 -5.21 3.71
CA ALA A 94 48.33 -4.90 2.38
C ALA A 94 49.85 -4.80 2.44
N ALA A 95 50.54 -5.67 1.69
CA ALA A 95 51.98 -5.67 1.65
C ALA A 95 52.48 -6.09 0.27
N GLY A 96 53.49 -5.39 -0.22
CA GLY A 96 54.33 -5.93 -1.27
C GLY A 96 55.24 -6.99 -0.69
N MET A 97 55.09 -8.23 -1.15
CA MET A 97 55.90 -9.31 -0.62
C MET A 97 57.30 -9.23 -1.21
N GLY A 98 58.28 -9.72 -0.45
CA GLY A 98 59.65 -9.82 -0.91
C GLY A 98 60.66 -9.02 -0.12
N GLY A 99 60.23 -7.98 0.59
CA GLY A 99 61.15 -7.18 1.38
C GLY A 99 61.49 -7.84 2.69
N GLY A 100 61.65 -7.03 3.73
CA GLY A 100 61.89 -7.54 5.06
C GLY A 100 60.77 -7.25 6.04
N THR A 101 60.44 -5.96 6.20
CA THR A 101 59.38 -5.56 7.12
C THR A 101 58.05 -6.20 6.75
N GLY A 102 57.62 -6.04 5.52
CA GLY A 102 56.31 -6.54 5.13
C GLY A 102 56.28 -7.96 4.63
N THR A 103 57.34 -8.73 4.81
CA THR A 103 57.30 -10.13 4.41
C THR A 103 57.14 -11.08 5.59
N GLY A 104 57.77 -10.81 6.73
CA GLY A 104 57.66 -11.73 7.84
C GLY A 104 56.79 -11.20 8.96
N ALA A 105 56.54 -9.90 8.95
CA ALA A 105 55.69 -9.27 9.95
C ALA A 105 54.22 -9.23 9.54
N ALA A 106 53.92 -9.23 8.24
CA ALA A 106 52.53 -9.35 7.82
C ALA A 106 51.88 -10.64 8.29
N PRO A 107 52.54 -11.81 8.28
CA PRO A 107 51.91 -12.99 8.90
C PRO A 107 51.70 -12.82 10.40
N VAL A 108 52.51 -12.01 11.07
CA VAL A 108 52.33 -11.81 12.50
C VAL A 108 51.15 -10.90 12.77
N VAL A 109 51.03 -9.80 12.00
CA VAL A 109 49.82 -8.99 12.08
C VAL A 109 48.60 -9.84 11.77
N ALA A 110 48.67 -10.66 10.72
CA ALA A 110 47.56 -11.52 10.36
C ALA A 110 47.07 -12.35 11.56
N GLU A 111 47.99 -12.79 12.41
CA GLU A 111 47.60 -13.75 13.43
C GLU A 111 47.06 -13.11 14.71
N VAL A 112 47.67 -12.02 15.18
CA VAL A 112 47.06 -11.29 16.30
C VAL A 112 45.65 -10.83 15.93
N ALA A 113 45.44 -10.46 14.66
CA ALA A 113 44.10 -10.15 14.19
C ALA A 113 43.23 -11.40 14.14
N LYS A 114 43.73 -12.46 13.51
CA LYS A 114 42.94 -13.67 13.39
C LYS A 114 42.75 -14.34 14.76
N ASP A 115 43.70 -14.12 15.67
CA ASP A 115 43.50 -14.59 17.05
C ASP A 115 42.31 -13.89 17.68
N LEU A 116 42.27 -12.55 17.60
CA LEU A 116 41.15 -11.78 18.08
C LEU A 116 39.85 -12.08 17.33
N GLY A 117 39.86 -13.12 16.47
CA GLY A 117 38.69 -13.42 15.69
C GLY A 117 38.24 -12.34 14.72
N ILE A 118 39.12 -11.42 14.31
CA ILE A 118 38.82 -10.59 13.15
C ILE A 118 38.74 -11.45 11.91
N LEU A 119 37.87 -11.06 10.98
CA LEU A 119 37.96 -11.58 9.62
C LEU A 119 39.19 -10.96 8.95
N THR A 120 40.16 -11.81 8.58
CA THR A 120 41.50 -11.38 8.16
C THR A 120 41.73 -11.69 6.69
N VAL A 121 41.81 -10.65 5.86
CA VAL A 121 42.03 -10.81 4.42
C VAL A 121 43.33 -10.13 4.07
N ALA A 122 44.29 -10.92 3.59
CA ALA A 122 45.58 -10.42 3.16
C ALA A 122 45.52 -10.16 1.67
N VAL A 123 46.04 -9.00 1.27
CA VAL A 123 46.12 -8.60 -0.13
C VAL A 123 47.56 -8.21 -0.40
N VAL A 124 48.24 -8.99 -1.26
CA VAL A 124 49.71 -8.92 -1.38
C VAL A 124 50.12 -9.02 -2.85
N THR A 125 51.25 -8.38 -3.17
CA THR A 125 51.85 -8.51 -4.50
C THR A 125 52.99 -9.53 -4.48
N LYS A 126 53.08 -10.33 -5.55
CA LYS A 126 54.34 -11.01 -5.87
C LYS A 126 55.24 -10.07 -6.65
N PRO A 127 56.52 -9.95 -6.29
CA PRO A 127 57.41 -8.98 -6.97
C PRO A 127 57.56 -9.26 -8.46
N PHE A 128 58.07 -8.27 -9.18
CA PHE A 128 58.25 -8.42 -10.61
C PHE A 128 59.43 -9.35 -10.91
N ASN A 129 59.37 -9.98 -12.09
CA ASN A 129 60.51 -10.77 -12.55
C ASN A 129 61.81 -9.96 -12.49
N PHE A 130 61.77 -8.68 -12.88
CA PHE A 130 63.02 -7.92 -12.92
C PHE A 130 63.57 -7.58 -11.54
N GLU A 131 63.04 -8.14 -10.45
CA GLU A 131 63.37 -7.66 -9.12
C GLU A 131 64.37 -8.55 -8.39
N GLY A 132 64.51 -9.81 -8.80
CA GLY A 132 65.43 -10.70 -8.14
C GLY A 132 64.84 -12.07 -7.91
N LYS A 133 65.65 -13.12 -8.07
CA LYS A 133 65.20 -14.45 -7.70
C LYS A 133 65.01 -14.54 -6.20
N LYS A 134 65.72 -13.69 -5.44
CA LYS A 134 65.67 -13.77 -3.98
C LYS A 134 64.41 -13.09 -3.44
N ARG A 135 64.09 -11.88 -3.94
CA ARG A 135 62.79 -11.28 -3.71
C ARG A 135 61.67 -12.23 -4.07
N MET A 136 61.69 -12.75 -5.30
CA MET A 136 60.66 -13.68 -5.75
C MET A 136 60.66 -14.99 -4.96
N ALA A 137 61.71 -15.29 -4.19
CA ALA A 137 61.67 -16.42 -3.29
C ALA A 137 61.41 -16.00 -1.85
N PHE A 138 61.93 -14.84 -1.42
CA PHE A 138 61.43 -14.19 -0.22
C PHE A 138 59.91 -14.11 -0.24
N ALA A 139 59.35 -13.65 -1.37
CA ALA A 139 57.90 -13.46 -1.47
C ALA A 139 57.16 -14.78 -1.31
N GLU A 140 57.57 -15.81 -2.06
CA GLU A 140 56.86 -17.08 -2.02
C GLU A 140 56.84 -17.67 -0.61
N GLN A 141 57.92 -17.49 0.15
CA GLN A 141 58.00 -18.11 1.47
C GLN A 141 57.16 -17.34 2.48
N GLY A 142 57.14 -16.01 2.36
CA GLY A 142 56.25 -15.22 3.20
C GLY A 142 54.79 -15.46 2.89
N ILE A 143 54.48 -15.84 1.66
CA ILE A 143 53.08 -16.06 1.30
C ILE A 143 52.56 -17.38 1.85
N THR A 144 53.43 -18.35 2.10
CA THR A 144 52.96 -19.62 2.66
C THR A 144 52.79 -19.56 4.18
N GLU A 145 53.64 -18.79 4.87
CA GLU A 145 53.41 -18.63 6.30
C GLU A 145 52.27 -17.66 6.57
N LEU A 146 52.19 -16.58 5.79
CA LEU A 146 50.97 -15.78 5.78
C LEU A 146 49.74 -16.62 5.46
N SER A 147 49.89 -17.64 4.62
CA SER A 147 48.77 -18.52 4.29
C SER A 147 48.27 -19.32 5.48
N LYS A 148 48.95 -19.28 6.63
CA LYS A 148 48.56 -20.04 7.81
C LYS A 148 47.76 -19.24 8.83
N HIS A 149 47.61 -17.93 8.64
CA HIS A 149 47.02 -17.07 9.67
C HIS A 149 46.05 -16.07 9.09
N VAL A 150 45.41 -16.43 7.97
CA VAL A 150 44.47 -15.57 7.30
C VAL A 150 43.25 -16.42 6.95
N ASP A 151 42.11 -15.74 6.80
CA ASP A 151 40.92 -16.41 6.29
C ASP A 151 40.95 -16.47 4.78
N SER A 152 41.33 -15.38 4.14
CA SER A 152 41.51 -15.32 2.69
C SER A 152 42.81 -14.60 2.37
N LEU A 153 43.51 -15.10 1.35
CA LEU A 153 44.73 -14.50 0.84
C LEU A 153 44.51 -14.18 -0.63
N ILE A 154 44.65 -12.91 -1.00
CA ILE A 154 44.61 -12.52 -2.40
C ILE A 154 46.02 -12.19 -2.86
N THR A 155 46.53 -12.96 -3.82
CA THR A 155 47.86 -12.72 -4.35
C THR A 155 47.73 -12.16 -5.75
N ILE A 156 48.38 -11.04 -5.98
CA ILE A 156 48.39 -10.43 -7.31
C ILE A 156 49.81 -10.46 -7.81
N PRO A 157 50.12 -11.31 -8.76
CA PRO A 157 51.49 -11.36 -9.25
C PRO A 157 51.79 -10.14 -10.11
N ASN A 158 52.56 -9.19 -9.56
CA ASN A 158 52.91 -7.95 -10.27
C ASN A 158 53.40 -8.20 -11.70
N ASP A 159 53.91 -9.37 -12.00
CA ASP A 159 54.30 -9.61 -13.39
C ASP A 159 53.09 -9.54 -14.30
N LYS A 160 51.93 -9.98 -13.82
CA LYS A 160 50.71 -9.98 -14.62
C LYS A 160 50.21 -8.56 -14.96
N LEU A 161 50.88 -7.51 -14.51
CA LEU A 161 50.59 -6.15 -14.94
C LEU A 161 51.38 -5.76 -16.20
N LEU A 162 52.45 -6.46 -16.54
CA LEU A 162 53.15 -6.14 -17.78
C LEU A 162 52.23 -6.31 -18.99
N LYS A 163 51.25 -7.21 -18.89
CA LYS A 163 50.28 -7.38 -19.96
C LYS A 163 49.28 -6.22 -20.05
N VAL A 164 49.25 -5.31 -19.08
CA VAL A 164 48.41 -4.11 -19.14
C VAL A 164 49.23 -2.83 -19.09
N LEU A 165 50.55 -2.92 -19.13
CA LEU A 165 51.41 -1.76 -19.01
C LEU A 165 52.03 -1.51 -20.36
N GLY A 166 51.93 -0.27 -20.85
CA GLY A 166 52.55 0.07 -22.09
C GLY A 166 54.06 -0.05 -22.01
N ARG A 167 54.70 -0.01 -23.17
CA ARG A 167 56.13 0.14 -23.15
C ARG A 167 56.48 1.62 -23.06
N GLY A 168 57.76 1.92 -22.89
CA GLY A 168 58.11 3.26 -22.50
C GLY A 168 57.72 3.55 -21.06
N ILE A 169 57.52 2.49 -20.27
CA ILE A 169 56.92 2.59 -18.95
C ILE A 169 58.03 2.72 -17.92
N SER A 170 57.95 3.75 -17.07
CA SER A 170 58.93 3.94 -16.01
C SER A 170 58.61 3.06 -14.81
N LEU A 171 59.65 2.58 -14.12
CA LEU A 171 59.40 1.69 -12.99
C LEU A 171 58.60 2.39 -11.91
N LEU A 172 58.75 3.71 -11.78
CA LEU A 172 57.83 4.47 -10.94
C LEU A 172 56.37 4.22 -11.34
N ASP A 173 56.08 4.23 -12.65
CA ASP A 173 54.72 3.91 -13.08
C ASP A 173 54.38 2.45 -12.78
N ALA A 174 55.33 1.53 -13.03
CA ALA A 174 55.08 0.10 -12.85
C ALA A 174 54.65 -0.23 -11.42
N PHE A 175 55.09 0.56 -10.44
CA PHE A 175 54.70 0.32 -9.06
C PHE A 175 53.48 1.12 -8.62
N GLY A 176 53.19 2.22 -9.29
CA GLY A 176 51.91 2.86 -9.07
C GLY A 176 50.77 2.01 -9.59
N ALA A 177 51.01 1.26 -10.68
CA ALA A 177 49.98 0.38 -11.18
C ALA A 177 49.68 -0.72 -10.17
N ALA A 178 50.72 -1.23 -9.51
CA ALA A 178 50.52 -2.23 -8.46
C ALA A 178 49.95 -1.59 -7.19
N ASN A 179 50.33 -0.34 -6.89
CA ASN A 179 49.60 0.38 -5.85
C ASN A 179 48.08 0.35 -6.10
N ASP A 180 47.67 0.63 -7.33
CA ASP A 180 46.25 0.75 -7.65
C ASP A 180 45.51 -0.57 -7.56
N VAL A 181 46.16 -1.70 -7.82
CA VAL A 181 45.44 -2.97 -7.78
C VAL A 181 45.27 -3.45 -6.34
N LEU A 182 46.26 -3.20 -5.49
CA LEU A 182 46.07 -3.46 -4.07
C LEU A 182 44.88 -2.69 -3.54
N LYS A 183 44.72 -1.44 -3.99
CA LYS A 183 43.61 -0.62 -3.56
C LYS A 183 42.29 -1.16 -4.08
N GLY A 184 42.24 -1.50 -5.37
CA GLY A 184 40.99 -2.00 -5.93
C GLY A 184 40.55 -3.29 -5.27
N ALA A 185 41.50 -4.06 -4.76
CA ALA A 185 41.10 -5.32 -4.13
C ALA A 185 40.41 -5.07 -2.81
N VAL A 186 40.84 -4.05 -2.07
CA VAL A 186 40.23 -3.70 -0.80
C VAL A 186 38.93 -2.93 -1.02
N GLN A 187 39.00 -1.89 -1.84
CA GLN A 187 37.82 -1.09 -2.17
C GLN A 187 36.75 -1.96 -2.81
N GLY A 188 37.14 -2.89 -3.69
CA GLY A 188 36.16 -3.75 -4.34
C GLY A 188 35.37 -4.62 -3.39
N ILE A 189 35.90 -4.89 -2.21
CA ILE A 189 35.22 -5.70 -1.19
C ILE A 189 34.61 -4.82 -0.10
N ALA A 190 35.38 -3.88 0.45
CA ALA A 190 34.88 -2.99 1.50
C ALA A 190 33.60 -2.28 1.08
N GLU A 191 33.58 -1.67 -0.10
CA GLU A 191 32.42 -0.90 -0.55
C GLU A 191 31.12 -1.68 -0.48
N LEU A 192 31.18 -3.02 -0.53
CA LEU A 192 29.96 -3.79 -0.45
C LEU A 192 29.36 -3.71 0.94
N ILE A 193 30.21 -3.47 1.93
CA ILE A 193 29.81 -3.25 3.31
C ILE A 193 29.56 -1.77 3.59
N THR A 194 30.38 -0.89 3.04
CA THR A 194 30.30 0.52 3.42
C THR A 194 29.47 1.38 2.48
N ARG A 195 29.32 0.95 1.22
CA ARG A 195 28.48 1.68 0.25
C ARG A 195 27.41 0.74 -0.34
N PRO A 196 26.57 0.13 0.50
CA PRO A 196 25.66 -0.90 -0.01
C PRO A 196 24.62 -0.36 -0.97
N GLY A 197 24.20 -1.23 -1.90
CA GLY A 197 23.15 -0.96 -2.85
C GLY A 197 21.93 -1.80 -2.52
N LEU A 198 20.97 -1.79 -3.45
CA LEU A 198 19.71 -2.47 -3.14
C LEU A 198 19.84 -3.98 -3.04
N MET A 199 20.80 -4.59 -3.73
CA MET A 199 21.05 -6.02 -3.55
C MET A 199 22.25 -6.25 -2.63
N ASN A 200 22.11 -5.85 -1.37
CA ASN A 200 23.29 -5.63 -0.53
C ASN A 200 23.83 -6.93 0.05
N VAL A 201 25.14 -6.98 0.25
CA VAL A 201 25.76 -8.08 0.97
C VAL A 201 26.06 -7.62 2.40
N ASP A 202 25.48 -8.33 3.39
CA ASP A 202 25.84 -8.15 4.77
C ASP A 202 27.30 -8.58 5.01
N PHE A 203 27.90 -7.97 6.03
CA PHE A 203 29.16 -8.49 6.57
C PHE A 203 29.10 -10.00 6.78
N ALA A 204 27.99 -10.50 7.33
CA ALA A 204 27.90 -11.94 7.55
C ALA A 204 28.07 -12.70 6.25
N ASP A 205 27.59 -12.15 5.15
CA ASP A 205 27.70 -12.88 3.90
C ASP A 205 29.10 -12.85 3.34
N VAL A 206 29.84 -11.75 3.56
CA VAL A 206 31.25 -11.71 3.21
C VAL A 206 32.02 -12.73 4.04
N ARG A 207 31.81 -12.74 5.36
CA ARG A 207 32.49 -13.69 6.23
C ARG A 207 32.22 -15.11 5.78
N THR A 208 30.96 -15.45 5.57
CA THR A 208 30.60 -16.80 5.18
C THR A 208 31.15 -17.19 3.81
N VAL A 209 31.73 -16.26 3.05
CA VAL A 209 32.35 -16.59 1.77
C VAL A 209 33.88 -16.37 1.78
N MET A 210 34.43 -15.72 2.80
CA MET A 210 35.85 -15.51 2.89
C MET A 210 36.49 -16.17 4.09
N SER A 211 35.70 -16.64 5.07
CA SER A 211 36.30 -17.13 6.31
C SER A 211 36.95 -18.49 6.06
N GLU A 212 38.20 -18.64 6.53
CA GLU A 212 38.97 -19.88 6.42
C GLU A 212 38.87 -20.49 5.02
N MET A 213 39.24 -19.71 4.02
CA MET A 213 39.11 -20.18 2.64
C MET A 213 40.46 -20.29 1.97
N GLY A 214 41.51 -19.75 2.57
CA GLY A 214 42.83 -19.86 1.99
C GLY A 214 42.95 -18.93 0.80
N TYR A 215 43.41 -19.49 -0.32
CA TYR A 215 43.88 -18.67 -1.42
C TYR A 215 42.70 -18.17 -2.25
N ALA A 216 42.80 -16.92 -2.71
CA ALA A 216 41.78 -16.29 -3.54
C ALA A 216 42.44 -15.38 -4.57
N MET A 217 41.74 -15.17 -5.69
CA MET A 217 42.14 -14.19 -6.69
C MET A 217 40.94 -13.33 -7.08
N MET A 218 41.22 -12.22 -7.76
CA MET A 218 40.21 -11.21 -8.06
C MET A 218 40.39 -10.64 -9.47
N GLY A 219 39.26 -10.36 -10.12
CA GLY A 219 39.26 -9.64 -11.38
C GLY A 219 38.20 -8.56 -11.42
N SER A 220 38.45 -7.55 -12.25
CA SER A 220 37.54 -6.43 -12.38
C SER A 220 37.34 -6.08 -13.85
N GLY A 221 36.31 -5.28 -14.10
CA GLY A 221 35.91 -4.92 -15.43
C GLY A 221 34.92 -3.76 -15.44
N VAL A 222 35.11 -2.84 -16.39
CA VAL A 222 34.26 -1.67 -16.50
C VAL A 222 33.85 -1.50 -17.96
N ALA A 223 32.58 -1.11 -18.16
CA ALA A 223 31.98 -1.01 -19.48
C ALA A 223 30.94 0.10 -19.45
N SER A 224 30.41 0.43 -20.62
CA SER A 224 29.51 1.56 -20.73
C SER A 224 28.57 1.33 -21.90
N GLY A 225 27.36 1.86 -21.77
CA GLY A 225 26.39 1.84 -22.85
C GLY A 225 25.42 0.69 -22.74
N GLU A 226 24.78 0.39 -23.88
CA GLU A 226 23.73 -0.62 -23.93
C GLU A 226 24.16 -1.92 -23.25
N ASP A 227 25.39 -2.36 -23.52
CA ASP A 227 25.88 -3.68 -23.14
C ASP A 227 26.83 -3.66 -21.95
N ARG A 228 26.69 -2.66 -21.09
CA ARG A 228 27.69 -2.45 -20.04
C ARG A 228 27.81 -3.66 -19.13
N ALA A 229 26.67 -4.32 -18.82
CA ALA A 229 26.69 -5.41 -17.84
C ALA A 229 27.32 -6.66 -18.42
N GLU A 230 27.08 -6.95 -19.69
CA GLU A 230 27.69 -8.14 -20.27
C GLU A 230 29.15 -7.91 -20.65
N GLU A 231 29.53 -6.67 -21.01
CA GLU A 231 30.92 -6.43 -21.36
C GLU A 231 31.80 -6.39 -20.11
N ALA A 232 31.29 -5.81 -19.03
CA ALA A 232 32.06 -5.71 -17.79
C ALA A 232 32.28 -7.09 -17.17
N ALA A 233 31.21 -7.86 -16.97
CA ALA A 233 31.34 -9.21 -16.42
C ALA A 233 32.36 -10.03 -17.18
N GLU A 234 32.32 -9.96 -18.52
CA GLU A 234 33.30 -10.68 -19.34
C GLU A 234 34.70 -10.14 -19.12
N MET A 235 34.85 -8.81 -19.11
CA MET A 235 36.13 -8.23 -18.79
C MET A 235 36.65 -8.72 -17.43
N ALA A 236 35.73 -8.96 -16.50
CA ALA A 236 36.11 -9.44 -15.16
C ALA A 236 36.47 -10.92 -15.18
N ILE A 237 35.69 -11.73 -15.89
CA ILE A 237 35.99 -13.17 -15.96
C ILE A 237 37.32 -13.43 -16.67
N SER A 238 37.64 -12.65 -17.70
CA SER A 238 38.83 -12.91 -18.48
C SER A 238 39.99 -12.02 -18.07
N SER A 239 39.93 -11.39 -16.91
CA SER A 239 41.00 -10.57 -16.43
C SER A 239 42.30 -11.37 -16.35
N PRO A 240 43.46 -10.75 -16.60
CA PRO A 240 44.73 -11.45 -16.38
C PRO A 240 45.03 -11.71 -14.92
N LEU A 241 44.41 -11.00 -13.99
CA LEU A 241 44.65 -11.29 -12.58
C LEU A 241 43.82 -12.47 -12.08
N LEU A 242 43.03 -13.08 -12.96
CA LEU A 242 42.22 -14.25 -12.66
C LEU A 242 42.50 -15.39 -13.61
N GLU A 243 43.37 -15.18 -14.60
CA GLU A 243 43.50 -16.14 -15.69
C GLU A 243 44.27 -17.40 -15.27
N ASP A 244 45.02 -17.35 -14.16
CA ASP A 244 45.73 -18.53 -13.67
C ASP A 244 44.83 -19.48 -12.88
N ILE A 245 43.65 -19.02 -12.47
CA ILE A 245 42.69 -19.85 -11.74
C ILE A 245 41.62 -20.37 -12.68
N ASP A 246 40.84 -21.30 -12.19
CA ASP A 246 39.79 -21.95 -12.95
C ASP A 246 38.51 -21.70 -12.17
N LEU A 247 37.77 -20.65 -12.55
CA LEU A 247 36.65 -20.18 -11.73
C LEU A 247 35.58 -21.26 -11.50
N SER A 248 35.48 -22.26 -12.37
CA SER A 248 34.58 -23.38 -12.12
C SER A 248 35.00 -24.22 -10.91
N GLY A 249 36.18 -23.99 -10.33
CA GLY A 249 36.62 -24.79 -9.21
C GLY A 249 36.87 -24.10 -7.89
N ALA A 250 36.26 -22.95 -7.64
CA ALA A 250 36.42 -22.26 -6.38
C ALA A 250 35.23 -22.54 -5.47
N ARG A 251 35.49 -22.70 -4.19
CA ARG A 251 34.41 -22.99 -3.26
C ARG A 251 33.44 -21.82 -3.14
N GLY A 252 33.92 -20.60 -3.43
CA GLY A 252 33.11 -19.41 -3.35
C GLY A 252 33.52 -18.30 -4.31
N VAL A 253 32.50 -17.67 -4.90
CA VAL A 253 32.65 -16.51 -5.76
C VAL A 253 31.89 -15.35 -5.13
N LEU A 254 32.59 -14.25 -4.90
CA LEU A 254 31.96 -13.02 -4.41
C LEU A 254 32.00 -11.97 -5.52
N VAL A 255 30.87 -11.37 -5.81
CA VAL A 255 30.73 -10.47 -6.94
C VAL A 255 30.13 -9.14 -6.51
N ASN A 256 30.79 -8.05 -6.91
CA ASN A 256 30.38 -6.68 -6.59
C ASN A 256 30.04 -5.95 -7.87
N ILE A 257 28.80 -5.54 -8.01
CA ILE A 257 28.36 -4.71 -9.12
C ILE A 257 28.25 -3.29 -8.57
N THR A 258 29.23 -2.46 -8.88
CA THR A 258 29.22 -1.04 -8.55
C THR A 258 28.50 -0.29 -9.66
N ALA A 259 27.38 0.33 -9.32
CA ALA A 259 26.60 1.03 -10.34
C ALA A 259 25.92 2.21 -9.68
N GLY A 260 25.36 3.08 -10.52
CA GLY A 260 24.50 4.15 -10.05
C GLY A 260 23.04 3.72 -10.01
N PHE A 261 22.17 4.72 -9.82
CA PHE A 261 20.74 4.45 -9.65
C PHE A 261 20.08 3.88 -10.89
N ASP A 262 20.72 3.94 -12.07
CA ASP A 262 20.09 3.46 -13.28
C ASP A 262 20.41 2.02 -13.62
N LEU A 263 20.97 1.26 -12.66
CA LEU A 263 21.16 -0.17 -12.85
C LEU A 263 19.80 -0.83 -13.17
N ARG A 264 19.74 -1.50 -14.31
CA ARG A 264 18.53 -2.19 -14.74
C ARG A 264 18.39 -3.53 -14.05
N LEU A 265 17.13 -3.89 -13.72
CA LEU A 265 16.84 -5.21 -13.18
C LEU A 265 17.45 -6.32 -14.04
N ASP A 266 17.23 -6.27 -15.36
CA ASP A 266 17.75 -7.30 -16.27
C ASP A 266 19.28 -7.30 -16.36
N GLU A 267 19.93 -6.18 -16.04
CA GLU A 267 21.38 -6.16 -16.02
C GLU A 267 21.91 -6.94 -14.83
N PHE A 268 21.39 -6.66 -13.62
CA PHE A 268 21.69 -7.49 -12.46
C PHE A 268 21.49 -8.96 -12.77
N GLU A 269 20.36 -9.29 -13.37
CA GLU A 269 20.10 -10.63 -13.85
C GLU A 269 21.24 -11.15 -14.74
N THR A 270 21.68 -10.31 -15.69
CA THR A 270 22.70 -10.72 -16.67
C THR A 270 24.03 -11.06 -15.98
N VAL A 271 24.57 -10.11 -15.22
CA VAL A 271 25.80 -10.36 -14.48
C VAL A 271 25.66 -11.64 -13.66
N GLY A 272 24.55 -11.76 -12.95
CA GLY A 272 24.29 -12.92 -12.12
C GLY A 272 24.39 -14.18 -12.93
N ASN A 273 23.61 -14.25 -14.03
CA ASN A 273 23.51 -15.50 -14.77
C ASN A 273 24.82 -15.84 -15.47
N THR A 274 25.61 -14.85 -15.87
CA THR A 274 26.90 -15.15 -16.49
C THR A 274 27.91 -15.63 -15.47
N ILE A 275 27.89 -15.08 -14.26
CA ILE A 275 28.79 -15.59 -13.22
C ILE A 275 28.43 -17.03 -12.87
N ARG A 276 27.14 -17.30 -12.65
CA ARG A 276 26.72 -18.65 -12.29
C ARG A 276 27.08 -19.66 -13.39
N ALA A 277 27.20 -19.21 -14.65
CA ALA A 277 27.50 -20.09 -15.78
C ALA A 277 28.95 -20.53 -15.82
N PHE A 278 29.84 -19.84 -15.10
CA PHE A 278 31.24 -20.22 -15.03
C PHE A 278 31.63 -20.68 -13.64
N ALA A 279 30.68 -20.78 -12.73
CA ALA A 279 30.95 -21.18 -11.36
C ALA A 279 30.34 -22.55 -11.09
N SER A 280 31.04 -23.34 -10.27
CA SER A 280 30.55 -24.67 -9.92
C SER A 280 29.14 -24.57 -9.33
N ASP A 281 28.33 -25.61 -9.57
CA ASP A 281 26.98 -25.65 -8.99
C ASP A 281 26.99 -25.78 -7.47
N ASN A 282 28.14 -26.01 -6.84
CA ASN A 282 28.24 -26.19 -5.40
C ASN A 282 28.87 -25.01 -4.69
N ALA A 283 29.54 -24.12 -5.42
CA ALA A 283 30.13 -22.93 -4.85
C ALA A 283 29.07 -22.04 -4.20
N THR A 284 29.46 -21.36 -3.13
CA THR A 284 28.68 -20.30 -2.54
C THR A 284 28.86 -19.04 -3.39
N VAL A 285 27.79 -18.61 -4.04
CA VAL A 285 27.86 -17.47 -4.93
C VAL A 285 27.07 -16.34 -4.29
N VAL A 286 27.75 -15.21 -4.13
CA VAL A 286 27.23 -14.05 -3.45
C VAL A 286 27.37 -12.90 -4.43
N ILE A 287 26.24 -12.42 -4.92
CA ILE A 287 26.20 -11.41 -5.97
C ILE A 287 25.40 -10.25 -5.45
N GLY A 288 26.04 -9.07 -5.33
CA GLY A 288 25.38 -7.91 -4.78
C GLY A 288 25.81 -6.63 -5.48
N THR A 289 25.30 -5.52 -4.98
CA THR A 289 25.57 -4.22 -5.59
C THR A 289 26.13 -3.27 -4.54
N SER A 290 26.88 -2.32 -5.03
CA SER A 290 27.34 -1.18 -4.27
C SER A 290 27.02 0.03 -5.11
N LEU A 291 26.60 1.10 -4.46
CA LEU A 291 26.04 2.24 -5.14
C LEU A 291 27.08 3.34 -5.29
N ASP A 292 27.13 3.93 -6.48
CA ASP A 292 27.89 5.16 -6.72
C ASP A 292 26.97 6.09 -7.52
N PRO A 293 26.37 7.09 -6.87
CA PRO A 293 25.46 8.00 -7.59
C PRO A 293 26.15 8.88 -8.61
N ASP A 294 27.48 8.89 -8.68
CA ASP A 294 28.20 9.56 -9.76
C ASP A 294 28.19 8.75 -11.04
N MET A 295 27.93 7.45 -10.97
CA MET A 295 27.98 6.64 -12.17
C MET A 295 26.68 6.78 -12.94
N ASN A 296 26.80 6.94 -14.26
CA ASN A 296 25.69 7.03 -15.18
C ASN A 296 26.08 6.31 -16.46
N ASP A 297 25.19 5.44 -16.91
CA ASP A 297 25.37 4.53 -18.05
C ASP A 297 26.70 3.77 -18.10
N GLU A 298 27.46 3.78 -17.03
CA GLU A 298 28.58 2.86 -16.92
C GLU A 298 28.31 1.87 -15.79
N LEU A 299 29.28 1.01 -15.52
CA LEU A 299 29.09 -0.16 -14.67
C LEU A 299 30.44 -0.81 -14.36
N ARG A 300 30.61 -1.25 -13.11
CA ARG A 300 31.82 -1.99 -12.74
C ARG A 300 31.43 -3.31 -12.08
N VAL A 301 32.15 -4.36 -12.46
CA VAL A 301 31.92 -5.71 -11.97
C VAL A 301 33.24 -6.19 -11.38
N THR A 302 33.26 -6.45 -10.09
CA THR A 302 34.40 -7.09 -9.44
C THR A 302 34.05 -8.52 -9.04
N VAL A 303 35.02 -9.42 -9.16
CA VAL A 303 34.79 -10.83 -8.90
C VAL A 303 35.94 -11.34 -8.05
N VAL A 304 35.62 -11.97 -6.91
CA VAL A 304 36.62 -12.58 -6.04
C VAL A 304 36.34 -14.07 -5.94
N ALA A 305 37.14 -14.87 -6.62
CA ALA A 305 37.18 -16.31 -6.44
C ALA A 305 37.95 -16.65 -5.17
N THR A 306 37.28 -17.31 -4.21
CA THR A 306 37.91 -17.68 -2.94
C THR A 306 37.98 -19.20 -2.80
N GLY A 307 38.97 -19.64 -2.00
CA GLY A 307 39.31 -21.04 -1.83
C GLY A 307 39.54 -21.74 -3.15
N ILE A 308 40.62 -21.38 -3.85
CA ILE A 308 40.75 -21.83 -5.24
C ILE A 308 41.60 -23.09 -5.37
N GLY A 309 42.17 -23.60 -4.27
CA GLY A 309 42.88 -24.85 -4.31
C GLY A 309 43.68 -25.09 -3.04
N SER B 5 46.48 11.25 -10.75
CA SER B 5 45.37 11.48 -11.67
C SER B 5 45.56 10.89 -13.09
N VAL B 6 44.50 10.40 -13.72
CA VAL B 6 44.61 9.88 -15.09
C VAL B 6 43.43 10.41 -15.91
N PRO B 7 43.67 11.02 -17.08
CA PRO B 7 44.99 11.36 -17.67
C PRO B 7 45.78 12.38 -16.84
N THR B 8 47.07 12.56 -17.14
CA THR B 8 47.89 13.55 -16.45
C THR B 8 48.00 14.88 -17.17
N LYS B 9 47.73 14.93 -18.47
CA LYS B 9 47.70 16.16 -19.23
C LYS B 9 46.40 16.23 -20.03
N LEU B 10 45.89 17.45 -20.25
CA LEU B 10 44.67 17.64 -21.04
C LEU B 10 44.64 19.11 -21.50
N GLU B 11 45.16 19.37 -22.70
CA GLU B 11 45.29 20.72 -23.24
C GLU B 11 44.52 20.87 -24.55
N VAL B 12 44.03 22.09 -24.82
CA VAL B 12 43.39 22.38 -26.10
C VAL B 12 44.48 22.60 -27.13
N VAL B 13 44.43 21.81 -28.20
CA VAL B 13 45.48 21.82 -29.21
C VAL B 13 45.04 22.52 -30.49
N ALA B 14 43.74 22.54 -30.79
CA ALA B 14 43.17 23.27 -31.92
C ALA B 14 41.80 23.80 -31.53
N ALA B 15 41.43 24.93 -32.14
CA ALA B 15 40.24 25.66 -31.72
C ALA B 15 39.61 26.38 -32.90
N THR B 16 38.27 26.46 -32.87
CA THR B 16 37.46 27.28 -33.76
C THR B 16 36.61 28.16 -32.85
N PRO B 17 35.72 29.03 -33.36
CA PRO B 17 34.88 29.81 -32.44
C PRO B 17 33.84 28.97 -31.70
N THR B 18 33.45 27.84 -32.27
CA THR B 18 32.33 27.05 -31.79
C THR B 18 32.70 25.61 -31.46
N SER B 19 33.98 25.27 -31.39
CA SER B 19 34.38 23.89 -31.14
C SER B 19 35.85 23.81 -30.76
N LEU B 20 36.15 22.98 -29.76
CA LEU B 20 37.53 22.67 -29.37
C LEU B 20 37.86 21.20 -29.58
N LEU B 21 39.16 20.94 -29.59
CA LEU B 21 39.71 19.61 -29.71
C LEU B 21 40.80 19.50 -28.65
N ILE B 22 40.55 18.70 -27.61
CA ILE B 22 41.52 18.57 -26.53
C ILE B 22 42.30 17.27 -26.73
N SER B 23 43.54 17.27 -26.26
CA SER B 23 44.48 16.18 -26.47
C SER B 23 45.13 15.85 -25.13
N TRP B 24 44.88 14.64 -24.63
CA TRP B 24 45.46 14.20 -23.36
C TRP B 24 46.66 13.30 -23.63
N ASP B 25 47.37 12.95 -22.56
CA ASP B 25 48.53 12.10 -22.71
C ASP B 25 48.15 10.63 -22.65
N ALA B 26 49.08 9.81 -22.98
CA ALA B 26 48.85 8.39 -23.14
C ALA B 26 49.04 7.68 -21.79
N PRO B 27 48.14 6.76 -21.44
CA PRO B 27 48.18 6.14 -20.12
C PRO B 27 49.33 5.16 -19.95
N ALA B 28 49.89 5.14 -18.74
CA ALA B 28 50.77 4.04 -18.36
C ALA B 28 50.02 2.70 -18.40
N VAL B 29 48.71 2.66 -18.09
CA VAL B 29 47.96 1.40 -18.11
C VAL B 29 46.73 1.49 -19.00
N THR B 30 46.28 0.33 -19.46
CA THR B 30 45.21 0.22 -20.45
C THR B 30 43.91 0.84 -19.96
N VAL B 31 43.40 1.78 -20.73
CA VAL B 31 42.10 2.39 -20.46
C VAL B 31 41.07 1.75 -21.38
N SER B 32 39.92 1.43 -20.81
CA SER B 32 38.87 0.84 -21.60
C SER B 32 38.22 1.88 -22.49
N TYR B 33 37.86 3.02 -21.91
CA TYR B 33 37.28 4.14 -22.63
C TYR B 33 37.45 5.38 -21.78
N TYR B 34 37.30 6.55 -22.39
CA TYR B 34 37.31 7.79 -21.64
C TYR B 34 35.89 8.32 -21.52
N ARG B 35 35.59 8.88 -20.35
CA ARG B 35 34.35 9.59 -20.11
C ARG B 35 34.67 11.07 -20.20
N ILE B 36 34.10 11.75 -21.19
CA ILE B 36 34.36 13.18 -21.41
C ILE B 36 33.16 13.94 -20.88
N THR B 37 33.37 14.83 -19.94
CA THR B 37 32.29 15.61 -19.35
C THR B 37 32.41 17.06 -19.74
N TYR B 38 31.27 17.68 -20.01
CA TYR B 38 31.22 19.14 -20.17
C TYR B 38 29.78 19.59 -20.10
N GLY B 39 29.49 20.47 -19.14
CA GLY B 39 28.17 21.05 -18.95
C GLY B 39 28.34 22.49 -18.50
N GLU B 40 27.24 23.17 -18.18
CA GLU B 40 27.35 24.54 -17.70
C GLU B 40 28.05 24.60 -16.35
N THR B 41 28.86 25.65 -16.15
CA THR B 41 29.57 25.85 -14.88
C THR B 41 28.57 26.38 -13.84
N GLY B 42 28.06 25.47 -13.02
CA GLY B 42 26.99 25.82 -12.08
C GLY B 42 25.58 25.60 -12.60
N GLY B 43 25.29 26.08 -13.81
CA GLY B 43 23.99 25.87 -14.43
C GLY B 43 23.68 24.40 -14.58
N ASN B 44 22.80 23.88 -13.73
CA ASN B 44 22.53 22.45 -13.60
C ASN B 44 22.08 21.79 -14.91
N SER B 45 22.80 22.06 -16.00
CA SER B 45 22.53 21.38 -17.24
C SER B 45 22.76 19.88 -17.07
N PRO B 46 22.04 19.03 -17.83
CA PRO B 46 22.28 17.58 -17.74
C PRO B 46 23.69 17.15 -18.12
N VAL B 47 24.62 18.11 -18.28
CA VAL B 47 26.02 17.87 -18.59
C VAL B 47 26.18 17.09 -19.90
N GLN B 48 25.49 15.95 -19.99
CA GLN B 48 25.41 15.03 -21.14
C GLN B 48 26.68 14.19 -21.31
N GLU B 49 27.85 14.83 -21.34
CA GLU B 49 29.09 14.08 -21.50
C GLU B 49 29.12 13.34 -22.83
N PHE B 50 30.13 12.50 -23.01
CA PHE B 50 30.15 11.43 -24.03
C PHE B 50 31.38 10.56 -23.75
N THR B 51 31.50 9.48 -24.51
CA THR B 51 32.58 8.51 -24.38
C THR B 51 33.34 8.34 -25.68
N VAL B 52 34.66 8.13 -25.56
CA VAL B 52 35.51 7.79 -26.69
C VAL B 52 36.27 6.50 -26.40
N PRO B 53 36.65 5.73 -27.43
CA PRO B 53 37.42 4.49 -27.21
C PRO B 53 38.74 4.69 -26.49
N GLY B 54 39.14 3.66 -25.74
CA GLY B 54 40.36 3.74 -24.93
C GLY B 54 41.61 3.98 -25.74
N SER B 55 41.56 3.66 -27.03
CA SER B 55 42.70 3.87 -27.91
C SER B 55 42.93 5.34 -28.28
N LYS B 56 42.00 6.24 -28.03
CA LYS B 56 42.08 7.63 -28.44
C LYS B 56 42.84 8.47 -27.42
N SER B 57 43.40 9.58 -27.91
CA SER B 57 44.09 10.58 -27.10
C SER B 57 43.64 12.00 -27.41
N THR B 58 42.71 12.19 -28.34
CA THR B 58 42.05 13.47 -28.54
C THR B 58 40.54 13.27 -28.55
N ALA B 59 39.80 14.37 -28.62
CA ALA B 59 38.34 14.30 -28.73
C ALA B 59 37.81 15.64 -29.22
N THR B 60 36.83 15.58 -30.13
CA THR B 60 36.24 16.77 -30.72
C THR B 60 34.96 17.08 -29.95
N ILE B 61 34.90 18.27 -29.39
CA ILE B 61 33.73 18.76 -28.67
C ILE B 61 33.13 19.89 -29.50
N SER B 62 31.93 19.65 -30.00
CA SER B 62 31.38 20.41 -31.11
C SER B 62 30.11 21.12 -30.69
N GLY B 63 29.74 22.10 -31.50
CA GLY B 63 28.54 22.89 -31.26
C GLY B 63 28.62 23.72 -30.00
N LEU B 64 29.75 24.39 -29.79
CA LEU B 64 29.93 25.24 -28.62
C LEU B 64 29.60 26.69 -28.97
N SER B 65 29.36 27.46 -27.93
CA SER B 65 29.10 28.88 -28.08
C SER B 65 30.41 29.63 -27.85
N PRO B 66 30.77 30.61 -28.69
CA PRO B 66 32.00 31.39 -28.43
C PRO B 66 31.97 32.11 -27.09
N GLY B 67 31.13 31.62 -26.17
CA GLY B 67 30.84 32.31 -24.93
C GLY B 67 30.96 31.51 -23.65
N VAL B 68 29.82 31.02 -23.13
CA VAL B 68 29.71 30.41 -21.81
C VAL B 68 30.81 29.36 -21.58
N ASP B 69 31.30 29.26 -20.34
CA ASP B 69 32.32 28.30 -19.99
C ASP B 69 31.70 27.01 -19.43
N TYR B 70 32.43 25.91 -19.61
CA TYR B 70 31.95 24.59 -19.30
C TYR B 70 32.97 23.84 -18.46
N THR B 71 32.57 22.64 -18.03
CA THR B 71 33.36 21.81 -17.12
C THR B 71 34.05 20.70 -17.91
N ILE B 72 35.20 21.04 -18.51
CA ILE B 72 35.97 20.06 -19.26
C ILE B 72 36.68 19.14 -18.28
N THR B 73 36.37 17.85 -18.34
CA THR B 73 36.99 16.85 -17.47
C THR B 73 36.98 15.49 -18.14
N VAL B 74 38.15 14.86 -18.26
CA VAL B 74 38.30 13.53 -18.86
C VAL B 74 38.45 12.48 -17.76
N TYR B 75 37.50 11.54 -17.71
CA TYR B 75 37.59 10.36 -16.86
C TYR B 75 38.23 9.21 -17.63
N ALA B 76 39.16 8.51 -16.98
CA ALA B 76 39.76 7.29 -17.53
C ALA B 76 39.14 6.08 -16.84
N ARG B 77 38.39 5.27 -17.59
CA ARG B 77 37.77 4.07 -17.07
C ARG B 77 38.62 2.87 -17.46
N SER B 78 39.24 2.27 -16.46
CA SER B 78 40.23 1.21 -16.61
C SER B 78 39.87 0.10 -15.64
N ALA B 79 39.93 -1.14 -16.11
CA ALA B 79 39.68 -2.28 -15.24
C ALA B 79 40.64 -2.35 -14.06
N TYR B 80 41.77 -1.66 -14.12
CA TYR B 80 42.90 -1.90 -13.23
C TYR B 80 43.16 -0.76 -12.25
N HIS B 81 42.32 0.26 -12.25
CA HIS B 81 42.40 1.35 -11.29
C HIS B 81 41.09 2.10 -11.33
N ARG B 82 40.98 3.06 -10.43
CA ARG B 82 39.85 3.97 -10.34
C ARG B 82 40.35 5.38 -10.04
N ARG B 83 41.40 5.78 -10.73
CA ARG B 83 42.10 7.04 -10.48
C ARG B 83 41.20 8.23 -10.80
N SER B 84 41.59 9.40 -10.26
CA SER B 84 40.74 10.56 -10.39
C SER B 84 41.10 11.36 -11.65
N PRO B 85 40.09 12.01 -12.23
CA PRO B 85 40.24 12.66 -13.54
C PRO B 85 41.20 13.83 -13.69
N ILE B 86 41.06 14.54 -14.80
CA ILE B 86 41.80 15.76 -15.08
C ILE B 86 40.84 16.73 -15.73
N SER B 87 41.04 18.02 -15.49
CA SER B 87 39.98 18.97 -15.84
C SER B 87 40.50 20.30 -16.40
N ILE B 88 39.59 21.05 -16.93
CA ILE B 88 39.81 22.45 -17.28
C ILE B 88 38.45 23.12 -17.53
N ASN B 89 38.42 24.44 -17.37
CA ASN B 89 37.30 25.29 -17.73
C ASN B 89 37.65 26.03 -19.03
N TYR B 90 36.63 26.31 -19.83
CA TYR B 90 36.88 27.04 -21.07
C TYR B 90 35.64 27.78 -21.51
N ARG B 91 35.78 29.08 -21.77
CA ARG B 91 34.76 29.94 -22.37
C ARG B 91 35.23 30.47 -23.73
N THR B 92 35.88 29.61 -24.51
CA THR B 92 36.41 29.89 -25.86
C THR B 92 37.64 30.79 -25.79
N ALA C 4 -10.23 -0.31 17.13
CA ALA C 4 -9.49 -1.55 16.88
C ALA C 4 -7.99 -1.29 16.60
N VAL C 5 -7.12 -2.21 17.03
CA VAL C 5 -5.67 -1.99 17.00
C VAL C 5 -5.04 -2.94 15.99
N ILE C 6 -4.41 -2.36 14.96
CA ILE C 6 -3.73 -3.10 13.89
C ILE C 6 -2.27 -2.67 13.82
N LYS C 7 -1.38 -3.64 13.93
CA LYS C 7 0.05 -3.38 13.85
C LYS C 7 0.66 -4.10 12.64
N VAL C 8 1.73 -3.51 12.13
CA VAL C 8 2.37 -3.97 10.91
C VAL C 8 3.86 -4.07 11.20
N ILE C 9 4.38 -5.29 11.21
CA ILE C 9 5.77 -5.57 11.51
C ILE C 9 6.46 -5.85 10.17
N GLY C 10 7.47 -5.05 9.83
CA GLY C 10 8.37 -5.39 8.76
C GLY C 10 9.62 -6.04 9.31
N VAL C 11 9.94 -7.22 8.80
CA VAL C 11 11.00 -8.06 9.33
C VAL C 11 12.07 -8.23 8.28
N GLY C 12 13.30 -7.83 8.60
CA GLY C 12 14.37 -7.86 7.64
C GLY C 12 14.42 -6.61 6.77
N GLY C 13 15.41 -6.61 5.88
CA GLY C 13 15.63 -5.52 4.96
C GLY C 13 14.46 -5.16 4.05
N GLY C 14 14.03 -6.08 3.20
CA GLY C 14 12.91 -5.80 2.30
C GLY C 14 11.65 -5.41 3.04
N GLY C 15 11.18 -6.28 3.95
CA GLY C 15 10.04 -5.92 4.78
C GLY C 15 10.21 -4.57 5.44
N GLY C 16 11.44 -4.23 5.85
CA GLY C 16 11.70 -2.93 6.41
C GLY C 16 11.59 -1.81 5.40
N ASN C 17 11.86 -2.09 4.13
CA ASN C 17 11.65 -1.11 3.08
C ASN C 17 10.16 -0.94 2.78
N ALA C 18 9.43 -2.05 2.77
CA ALA C 18 7.98 -2.01 2.55
C ALA C 18 7.29 -1.18 3.61
N VAL C 19 7.58 -1.42 4.88
CA VAL C 19 6.86 -0.65 5.91
C VAL C 19 7.33 0.81 5.90
N GLU C 20 8.57 1.06 5.50
CA GLU C 20 9.01 2.44 5.31
C GLU C 20 8.18 3.11 4.23
N HIS C 21 7.88 2.39 3.15
CA HIS C 21 7.06 2.95 2.10
C HIS C 21 5.63 3.20 2.58
N MET C 22 5.10 2.32 3.43
CA MET C 22 3.76 2.57 3.97
C MET C 22 3.74 3.72 4.97
N VAL C 23 4.87 3.98 5.64
CA VAL C 23 4.88 5.06 6.62
C VAL C 23 4.91 6.42 5.92
N ARG C 24 5.62 6.54 4.80
CA ARG C 24 5.64 7.84 4.12
C ARG C 24 4.39 8.09 3.29
N GLU C 25 3.75 7.05 2.76
CA GLU C 25 2.50 7.23 2.02
C GLU C 25 1.28 7.16 2.94
N ARG C 26 1.51 6.82 4.20
CA ARG C 26 0.46 6.69 5.21
C ARG C 26 -0.45 5.51 4.92
N ILE C 27 -0.78 4.78 5.97
CA ILE C 27 -1.85 3.80 5.97
C ILE C 27 -2.68 4.09 7.19
N GLU C 28 -3.98 4.25 7.00
CA GLU C 28 -4.77 4.94 7.98
C GLU C 28 -5.03 4.06 9.19
N GLY C 29 -4.84 4.64 10.37
CA GLY C 29 -5.16 4.01 11.63
C GLY C 29 -4.45 2.69 11.85
N VAL C 30 -3.13 2.70 11.66
CA VAL C 30 -2.31 1.49 11.71
C VAL C 30 -1.00 1.83 12.43
N GLU C 31 -0.50 0.86 13.21
CA GLU C 31 0.79 0.98 13.88
C GLU C 31 1.88 0.29 13.07
N PHE C 32 3.06 0.91 13.01
CA PHE C 32 4.16 0.45 12.18
C PHE C 32 5.39 0.10 13.01
N PHE C 33 6.06 -0.99 12.63
CA PHE C 33 7.22 -1.49 13.34
C PHE C 33 8.20 -2.13 12.36
N ALA C 34 9.49 -1.97 12.64
CA ALA C 34 10.56 -2.63 11.90
C ALA C 34 11.38 -3.50 12.84
N VAL C 35 11.73 -4.71 12.38
CA VAL C 35 12.54 -5.64 13.15
C VAL C 35 13.68 -6.14 12.26
N ASN C 36 14.91 -6.00 12.75
CA ASN C 36 16.10 -6.43 12.00
C ASN C 36 17.22 -6.80 12.96
N THR C 37 18.06 -7.74 12.50
CA THR C 37 19.36 -7.98 13.14
C THR C 37 20.35 -6.87 12.81
N ASP C 38 20.33 -6.45 11.54
CA ASP C 38 21.07 -5.31 10.98
C ASP C 38 20.72 -3.99 11.65
N ALA C 39 21.51 -3.56 12.64
CA ALA C 39 21.25 -2.30 13.32
C ALA C 39 21.37 -1.10 12.38
N GLN C 40 22.21 -1.20 11.33
CA GLN C 40 22.36 -0.09 10.39
C GLN C 40 21.05 0.16 9.65
N ALA C 41 20.32 -0.91 9.29
CA ALA C 41 19.02 -0.75 8.66
C ALA C 41 18.06 0.03 9.56
N LEU C 42 17.95 -0.38 10.82
CA LEU C 42 17.06 0.29 11.75
C LEU C 42 17.36 1.78 11.82
N ARG C 43 18.64 2.15 11.73
CA ARG C 43 19.00 3.56 11.81
C ARG C 43 18.42 4.35 10.65
N LYS C 44 18.58 3.86 9.42
CA LYS C 44 18.14 4.62 8.27
C LYS C 44 16.63 4.56 8.08
N THR C 45 16.02 3.37 8.20
CA THR C 45 14.58 3.24 8.03
C THR C 45 13.84 4.26 8.88
N ALA C 46 13.13 5.16 8.20
CA ALA C 46 12.40 6.24 8.85
C ALA C 46 11.05 5.69 9.35
N VAL C 47 11.10 5.00 10.49
CA VAL C 47 9.94 4.22 10.91
C VAL C 47 9.71 4.23 12.41
N GLY C 48 10.07 5.32 13.09
CA GLY C 48 9.71 5.52 14.49
C GLY C 48 9.96 4.35 15.43
N GLN C 49 9.18 3.29 15.27
CA GLN C 49 9.27 2.12 16.15
C GLN C 49 10.15 1.06 15.50
N THR C 50 11.31 0.80 16.11
CA THR C 50 12.27 -0.20 15.68
C THR C 50 12.47 -1.23 16.78
N ILE C 51 13.05 -2.37 16.42
CA ILE C 51 13.28 -3.48 17.34
C ILE C 51 14.48 -4.28 16.84
N GLN C 52 15.64 -4.11 17.47
CA GLN C 52 16.82 -4.89 17.10
C GLN C 52 16.75 -6.30 17.70
N ILE C 53 16.81 -7.31 16.84
CA ILE C 53 16.90 -8.69 17.30
C ILE C 53 18.30 -9.22 17.03
N GLY C 54 18.63 -10.31 17.72
CA GLY C 54 19.94 -10.94 17.61
C GLY C 54 21.14 -10.05 17.91
N SER C 55 20.98 -9.10 18.83
CA SER C 55 22.11 -8.30 19.26
C SER C 55 23.28 -9.20 19.67
N GLY C 56 22.96 -10.30 20.37
CA GLY C 56 24.00 -11.20 20.84
C GLY C 56 24.68 -11.95 19.72
N ILE C 57 23.90 -12.52 18.80
CA ILE C 57 24.48 -13.35 17.74
C ILE C 57 25.08 -12.54 16.61
N THR C 58 24.76 -11.24 16.49
CA THR C 58 25.12 -10.49 15.28
C THR C 58 25.72 -9.11 15.51
N LYS C 59 25.76 -8.60 16.75
CA LYS C 59 26.31 -7.26 17.04
C LYS C 59 25.52 -6.14 16.37
N GLY C 60 24.86 -6.45 15.27
CA GLY C 60 24.13 -5.49 14.49
C GLY C 60 24.50 -5.61 13.03
N LEU C 61 25.40 -6.55 12.73
CA LEU C 61 26.03 -6.64 11.43
C LEU C 61 25.20 -7.44 10.43
N GLY C 62 23.91 -7.63 10.72
CA GLY C 62 23.04 -8.39 9.85
C GLY C 62 23.27 -9.88 10.02
N ALA C 63 22.22 -10.66 9.78
CA ALA C 63 22.31 -12.10 9.87
C ALA C 63 22.86 -12.72 8.60
N GLY C 64 23.00 -11.91 7.57
CA GLY C 64 23.59 -12.30 6.31
C GLY C 64 23.10 -13.61 5.77
N ALA C 65 21.84 -13.67 5.38
CA ALA C 65 21.38 -14.66 4.41
C ALA C 65 21.64 -16.10 4.88
N ASN C 66 20.91 -16.48 5.92
CA ASN C 66 20.85 -17.81 6.52
C ASN C 66 19.73 -17.79 7.54
N PRO C 67 18.59 -18.42 7.24
CA PRO C 67 17.39 -18.21 8.08
C PRO C 67 17.54 -18.75 9.50
N GLU C 68 18.53 -19.62 9.73
CA GLU C 68 18.88 -20.07 11.08
C GLU C 68 19.35 -18.90 11.94
N VAL C 69 20.25 -18.08 11.41
CA VAL C 69 20.66 -16.92 12.18
C VAL C 69 19.46 -16.04 12.45
N GLY C 70 18.46 -16.05 11.58
CA GLY C 70 17.25 -15.29 11.83
C GLY C 70 16.44 -15.88 12.97
N ARG C 71 16.15 -17.19 12.90
CA ARG C 71 15.39 -17.83 13.97
C ARG C 71 16.06 -17.64 15.32
N ASN C 72 17.37 -17.95 15.39
CA ASN C 72 18.13 -17.76 16.62
C ASN C 72 18.10 -16.30 17.07
N ALA C 73 18.39 -15.37 16.16
CA ALA C 73 18.42 -13.94 16.51
C ALA C 73 17.10 -13.48 17.11
N ALA C 74 15.97 -14.05 16.68
CA ALA C 74 14.68 -13.63 17.21
C ALA C 74 14.29 -14.38 18.48
N ASP C 75 14.61 -15.68 18.54
CA ASP C 75 14.46 -16.45 19.77
C ASP C 75 15.06 -15.71 20.96
N GLU C 76 16.22 -15.07 20.76
CA GLU C 76 16.89 -14.37 21.86
C GLU C 76 16.36 -12.94 22.06
N ASP C 77 15.11 -12.66 21.65
CA ASP C 77 14.48 -11.37 21.96
C ASP C 77 12.95 -11.49 21.95
N ARG C 78 12.40 -12.69 22.13
CA ARG C 78 10.96 -12.89 22.21
C ARG C 78 10.30 -12.08 23.31
N ASP C 79 11.09 -11.57 24.27
CA ASP C 79 10.52 -10.76 25.34
C ASP C 79 10.25 -9.34 24.85
N ALA C 80 11.11 -8.79 23.99
CA ALA C 80 10.79 -7.49 23.41
C ALA C 80 9.75 -7.58 22.30
N LEU C 81 9.56 -8.77 21.72
CA LEU C 81 8.57 -8.95 20.67
C LEU C 81 7.15 -8.89 21.24
N ARG C 82 6.82 -9.85 22.15
CA ARG C 82 5.53 -9.79 22.83
C ARG C 82 5.33 -8.46 23.54
N ALA C 83 6.41 -7.84 24.00
CA ALA C 83 6.30 -6.50 24.57
C ALA C 83 5.65 -5.55 23.57
N ALA C 84 6.09 -5.60 22.30
CA ALA C 84 5.53 -4.74 21.26
C ALA C 84 4.19 -5.24 20.74
N LEU C 85 3.98 -6.56 20.66
CA LEU C 85 2.77 -7.09 20.04
C LEU C 85 1.54 -6.95 20.91
N GLU C 86 1.75 -6.87 22.22
CA GLU C 86 0.64 -6.85 23.17
C GLU C 86 -0.27 -5.64 22.92
N GLY C 87 -1.57 -5.86 23.11
CA GLY C 87 -2.56 -4.82 22.87
C GLY C 87 -3.12 -4.79 21.46
N ALA C 88 -2.68 -5.70 20.61
CA ALA C 88 -3.10 -5.73 19.22
C ALA C 88 -4.23 -6.72 19.04
N ASP C 89 -5.17 -6.38 18.16
CA ASP C 89 -6.18 -7.32 17.70
C ASP C 89 -5.72 -8.04 16.44
N MET C 90 -5.26 -7.30 15.45
CA MET C 90 -4.69 -7.87 14.26
C MET C 90 -3.30 -7.31 14.06
N VAL C 91 -2.38 -8.18 13.61
CA VAL C 91 -1.04 -7.74 13.26
C VAL C 91 -0.72 -8.26 11.87
N PHE C 92 -0.16 -7.39 11.04
CA PHE C 92 0.35 -7.78 9.73
C PHE C 92 1.88 -7.93 9.84
N ILE C 93 2.38 -9.03 9.34
CA ILE C 93 3.81 -9.29 9.34
C ILE C 93 4.25 -9.31 7.89
N ALA C 94 5.06 -8.32 7.52
CA ALA C 94 5.57 -8.15 6.15
C ALA C 94 7.06 -8.42 6.09
N ALA C 95 7.47 -9.12 5.02
CA ALA C 95 8.83 -9.64 4.92
C ALA C 95 9.08 -10.26 3.53
N GLY C 96 10.23 -9.94 2.93
CA GLY C 96 10.65 -10.63 1.72
C GLY C 96 11.39 -11.92 2.02
N MET C 97 10.83 -13.03 1.54
CA MET C 97 11.38 -14.35 1.83
C MET C 97 12.59 -14.60 0.95
N GLY C 98 13.60 -15.25 1.51
CA GLY C 98 14.76 -15.61 0.71
C GLY C 98 16.04 -15.32 1.45
N GLY C 99 16.09 -14.15 2.09
CA GLY C 99 17.20 -13.77 2.93
C GLY C 99 17.30 -14.57 4.20
N GLY C 100 17.97 -14.00 5.21
CA GLY C 100 18.28 -14.74 6.42
C GLY C 100 17.52 -14.23 7.63
N THR C 101 17.34 -12.91 7.71
CA THR C 101 16.58 -12.29 8.79
C THR C 101 15.07 -12.42 8.58
N GLY C 102 14.60 -12.06 7.39
CA GLY C 102 13.17 -12.20 7.12
C GLY C 102 12.72 -13.64 7.18
N THR C 103 13.43 -14.52 6.45
CA THR C 103 12.98 -15.91 6.32
C THR C 103 12.92 -16.64 7.66
N GLY C 104 13.72 -16.22 8.63
CA GLY C 104 13.84 -17.01 9.83
C GLY C 104 13.31 -16.39 11.10
N ALA C 105 13.23 -15.06 11.14
CA ALA C 105 12.66 -14.36 12.27
C ALA C 105 11.16 -14.10 12.15
N ALA C 106 10.63 -14.03 10.92
CA ALA C 106 9.20 -13.87 10.73
C ALA C 106 8.38 -14.99 11.35
N PRO C 107 8.71 -16.27 11.19
CA PRO C 107 7.95 -17.29 11.91
C PRO C 107 7.98 -17.12 13.41
N VAL C 108 8.96 -16.40 13.94
CA VAL C 108 9.06 -16.26 15.39
C VAL C 108 8.19 -15.11 15.87
N VAL C 109 8.10 -14.04 15.09
CA VAL C 109 7.11 -13.00 15.37
C VAL C 109 5.72 -13.60 15.24
N ALA C 110 5.53 -14.45 14.23
CA ALA C 110 4.25 -15.06 13.94
C ALA C 110 3.76 -15.87 15.12
N GLU C 111 4.62 -16.74 15.65
CA GLU C 111 4.20 -17.63 16.72
C GLU C 111 4.08 -16.89 18.04
N VAL C 112 4.82 -15.80 18.24
CA VAL C 112 4.65 -15.01 19.46
C VAL C 112 3.33 -14.26 19.41
N ALA C 113 2.99 -13.75 18.24
CA ALA C 113 1.69 -13.11 18.08
C ALA C 113 0.57 -14.13 18.24
N LYS C 114 0.68 -15.28 17.57
CA LYS C 114 -0.35 -16.31 17.62
C LYS C 114 -0.57 -16.81 19.05
N ASP C 115 0.52 -17.03 19.79
CA ASP C 115 0.42 -17.33 21.22
C ASP C 115 -0.41 -16.30 21.94
N LEU C 116 -0.17 -15.02 21.65
CA LEU C 116 -0.79 -13.88 22.31
C LEU C 116 -2.26 -13.70 21.93
N GLY C 117 -2.83 -14.62 21.13
CA GLY C 117 -4.22 -14.57 20.71
C GLY C 117 -4.52 -13.73 19.47
N ILE C 118 -3.55 -12.92 19.01
CA ILE C 118 -3.78 -11.97 17.93
C ILE C 118 -4.08 -12.70 16.61
N LEU C 119 -4.92 -12.06 15.78
CA LEU C 119 -5.02 -12.46 14.37
C LEU C 119 -3.75 -12.02 13.63
N THR C 120 -3.11 -12.97 12.98
CA THR C 120 -1.78 -12.74 12.41
C THR C 120 -1.83 -13.09 10.94
N VAL C 121 -1.74 -12.08 10.09
CA VAL C 121 -1.63 -12.28 8.64
C VAL C 121 -0.22 -11.92 8.19
N ALA C 122 0.46 -12.89 7.59
CA ALA C 122 1.75 -12.68 6.95
C ALA C 122 1.54 -12.30 5.48
N VAL C 123 2.20 -11.24 5.06
CA VAL C 123 2.22 -10.79 3.68
C VAL C 123 3.69 -10.81 3.26
N VAL C 124 4.08 -11.80 2.46
CA VAL C 124 5.48 -12.04 2.08
C VAL C 124 5.62 -12.15 0.57
N THR C 125 6.82 -11.79 0.05
CA THR C 125 7.16 -12.04 -1.34
C THR C 125 8.01 -13.30 -1.46
N LYS C 126 7.97 -13.88 -2.66
CA LYS C 126 8.92 -14.86 -3.14
C LYS C 126 9.98 -14.13 -3.96
N PRO C 127 11.23 -14.55 -3.93
CA PRO C 127 12.27 -13.82 -4.69
C PRO C 127 12.20 -14.11 -6.17
N PHE C 128 12.66 -13.12 -6.96
CA PHE C 128 12.83 -13.32 -8.40
C PHE C 128 13.74 -14.52 -8.65
N ASN C 129 13.47 -15.25 -9.75
CA ASN C 129 14.26 -16.44 -10.01
C ASN C 129 15.73 -16.10 -10.30
N PHE C 130 16.03 -14.92 -10.85
CA PHE C 130 17.42 -14.61 -11.14
C PHE C 130 18.27 -14.44 -9.89
N GLU C 131 17.64 -14.32 -8.72
CA GLU C 131 18.38 -14.26 -7.45
C GLU C 131 18.99 -15.60 -7.07
N GLY C 132 18.62 -16.68 -7.76
CA GLY C 132 19.28 -17.95 -7.54
C GLY C 132 18.44 -19.06 -6.97
N LYS C 133 18.63 -20.27 -7.52
CA LYS C 133 17.93 -21.44 -7.02
C LYS C 133 18.11 -21.62 -5.52
N LYS C 134 19.29 -21.30 -5.02
CA LYS C 134 19.49 -21.38 -3.57
C LYS C 134 18.46 -20.52 -2.85
N ARG C 135 18.23 -19.30 -3.34
CA ARG C 135 17.43 -18.32 -2.61
C ARG C 135 15.94 -18.65 -2.67
N MET C 136 15.48 -19.23 -3.77
CA MET C 136 14.10 -19.65 -3.86
C MET C 136 13.82 -20.81 -2.92
N ALA C 137 14.75 -21.77 -2.85
CA ALA C 137 14.59 -22.90 -1.96
C ALA C 137 14.52 -22.45 -0.51
N PHE C 138 15.36 -21.49 -0.11
CA PHE C 138 15.27 -20.99 1.26
C PHE C 138 13.97 -20.23 1.50
N ALA C 139 13.44 -19.60 0.47
CA ALA C 139 12.15 -18.92 0.58
C ALA C 139 11.02 -19.93 0.80
N GLU C 140 10.91 -20.92 -0.09
CA GLU C 140 9.84 -21.90 0.04
C GLU C 140 9.96 -22.68 1.34
N GLN C 141 11.17 -22.81 1.88
CA GLN C 141 11.35 -23.46 3.18
C GLN C 141 10.83 -22.58 4.30
N GLY C 142 11.16 -21.29 4.27
CA GLY C 142 10.70 -20.39 5.31
C GLY C 142 9.20 -20.17 5.25
N ILE C 143 8.63 -20.18 4.04
CA ILE C 143 7.19 -19.98 3.93
C ILE C 143 6.45 -21.15 4.57
N THR C 144 7.00 -22.36 4.42
CA THR C 144 6.35 -23.54 4.98
C THR C 144 6.41 -23.51 6.51
N GLU C 145 7.49 -22.98 7.07
CA GLU C 145 7.55 -22.83 8.52
C GLU C 145 6.62 -21.72 8.98
N LEU C 146 6.59 -20.61 8.25
CA LEU C 146 5.73 -19.50 8.61
C LEU C 146 4.26 -19.89 8.48
N SER C 147 3.94 -20.76 7.53
CA SER C 147 2.58 -21.26 7.38
C SER C 147 2.11 -22.00 8.63
N LYS C 148 3.01 -22.34 9.54
CA LYS C 148 2.67 -23.05 10.76
C LYS C 148 2.39 -22.14 11.94
N HIS C 149 2.55 -20.83 11.79
CA HIS C 149 2.35 -19.96 12.94
C HIS C 149 1.60 -18.67 12.58
N VAL C 150 0.85 -18.69 11.49
CA VAL C 150 0.01 -17.57 11.10
C VAL C 150 -1.40 -18.10 10.93
N ASP C 151 -2.32 -17.17 10.84
CA ASP C 151 -3.69 -17.49 10.46
C ASP C 151 -3.87 -17.53 8.95
N SER C 152 -3.24 -16.58 8.23
CA SER C 152 -3.27 -16.50 6.76
C SER C 152 -1.93 -15.99 6.26
N LEU C 153 -1.40 -16.69 5.24
CA LEU C 153 -0.11 -16.38 4.62
C LEU C 153 -0.32 -16.05 3.15
N ILE C 154 -0.29 -14.76 2.82
CA ILE C 154 -0.43 -14.28 1.45
C ILE C 154 0.94 -14.30 0.79
N THR C 155 1.09 -15.11 -0.26
CA THR C 155 2.32 -15.15 -1.04
C THR C 155 2.13 -14.32 -2.30
N ILE C 156 2.90 -13.23 -2.42
CA ILE C 156 2.97 -12.39 -3.62
C ILE C 156 4.29 -12.66 -4.32
N PRO C 157 4.38 -13.61 -5.25
CA PRO C 157 5.70 -13.99 -5.79
C PRO C 157 6.24 -12.93 -6.74
N ASN C 158 7.50 -12.52 -6.51
CA ASN C 158 8.09 -11.49 -7.34
C ASN C 158 8.12 -11.89 -8.81
N ASP C 159 8.37 -13.15 -9.09
CA ASP C 159 8.31 -13.57 -10.48
C ASP C 159 6.95 -13.30 -11.11
N LYS C 160 5.86 -13.24 -10.31
CA LYS C 160 4.55 -12.82 -10.81
C LYS C 160 4.49 -11.32 -11.05
N LEU C 161 5.17 -10.53 -10.21
CA LEU C 161 5.36 -9.10 -10.45
C LEU C 161 5.96 -8.82 -11.83
N LEU C 162 6.82 -9.71 -12.32
CA LEU C 162 7.48 -9.42 -13.58
C LEU C 162 6.47 -9.21 -14.70
N LYS C 163 5.35 -9.93 -14.65
CA LYS C 163 4.43 -9.90 -15.77
C LYS C 163 3.83 -8.51 -15.99
N VAL C 164 4.02 -7.55 -15.06
CA VAL C 164 3.43 -6.22 -15.15
C VAL C 164 4.46 -5.12 -14.99
N LEU C 165 5.73 -5.46 -15.24
CA LEU C 165 6.86 -4.53 -15.15
C LEU C 165 7.40 -4.24 -16.55
N GLY C 166 7.73 -2.97 -16.81
CA GLY C 166 8.20 -2.58 -18.13
C GLY C 166 9.59 -3.11 -18.48
N ARG C 167 9.85 -3.21 -19.78
CA ARG C 167 11.14 -3.64 -20.30
C ARG C 167 12.23 -2.66 -19.87
N GLY C 168 13.36 -3.19 -19.43
CA GLY C 168 14.39 -2.31 -18.94
C GLY C 168 14.11 -1.58 -17.65
N ILE C 169 13.13 -2.03 -16.86
CA ILE C 169 12.88 -1.41 -15.56
C ILE C 169 14.13 -1.47 -14.69
N SER C 170 14.35 -0.42 -13.91
CA SER C 170 15.46 -0.40 -12.98
C SER C 170 15.21 -1.33 -11.79
N LEU C 171 16.29 -1.90 -11.25
CA LEU C 171 16.21 -2.64 -10.00
C LEU C 171 15.53 -1.81 -8.92
N LEU C 172 15.87 -0.53 -8.86
CA LEU C 172 15.24 0.36 -7.89
C LEU C 172 13.71 0.34 -8.06
N ASP C 173 13.23 0.51 -9.28
CA ASP C 173 11.80 0.53 -9.50
C ASP C 173 11.19 -0.86 -9.39
N ALA C 174 12.00 -1.91 -9.51
CA ALA C 174 11.46 -3.26 -9.36
C ALA C 174 11.09 -3.53 -7.91
N PHE C 175 11.93 -3.10 -6.97
CA PHE C 175 11.61 -3.30 -5.56
C PHE C 175 10.64 -2.25 -5.05
N GLY C 176 10.66 -1.05 -5.61
CA GLY C 176 9.61 -0.10 -5.27
C GLY C 176 8.25 -0.61 -5.68
N ALA C 177 8.18 -1.35 -6.79
CA ALA C 177 6.96 -2.02 -7.15
C ALA C 177 6.64 -3.11 -6.13
N ALA C 178 7.68 -3.82 -5.67
CA ALA C 178 7.49 -4.86 -4.65
C ALA C 178 6.98 -4.28 -3.34
N ASN C 179 7.51 -3.13 -2.91
CA ASN C 179 6.93 -2.47 -1.75
C ASN C 179 5.47 -2.11 -2.00
N ASP C 180 5.15 -1.62 -3.21
CA ASP C 180 3.78 -1.23 -3.47
C ASP C 180 2.82 -2.41 -3.36
N VAL C 181 3.26 -3.63 -3.71
CA VAL C 181 2.33 -4.74 -3.62
C VAL C 181 2.22 -5.30 -2.21
N LEU C 182 3.24 -5.12 -1.36
CA LEU C 182 3.06 -5.41 0.06
C LEU C 182 2.14 -4.39 0.71
N LYS C 183 2.35 -3.09 0.45
CA LYS C 183 1.41 -2.10 0.98
C LYS C 183 0.00 -2.33 0.46
N GLY C 184 -0.13 -2.88 -0.75
CA GLY C 184 -1.45 -3.18 -1.27
C GLY C 184 -2.17 -4.19 -0.40
N ALA C 185 -1.49 -5.30 -0.07
CA ALA C 185 -2.15 -6.35 0.71
C ALA C 185 -2.61 -5.85 2.08
N VAL C 186 -1.74 -5.18 2.82
CA VAL C 186 -2.14 -4.62 4.11
C VAL C 186 -3.31 -3.66 3.94
N GLN C 187 -3.12 -2.64 3.09
CA GLN C 187 -4.11 -1.56 2.99
C GLN C 187 -5.44 -2.04 2.42
N GLY C 188 -5.42 -3.01 1.50
CA GLY C 188 -6.66 -3.56 0.98
C GLY C 188 -7.52 -4.24 2.04
N ILE C 189 -6.87 -4.94 2.98
CA ILE C 189 -7.63 -5.57 4.07
C ILE C 189 -7.89 -4.59 5.19
N ALA C 190 -6.85 -3.91 5.66
CA ALA C 190 -7.00 -3.05 6.83
C ALA C 190 -8.02 -1.95 6.62
N GLU C 191 -8.16 -1.41 5.41
CA GLU C 191 -9.10 -0.30 5.26
C GLU C 191 -10.57 -0.72 5.24
N LEU C 192 -10.86 -2.02 5.06
CA LEU C 192 -12.21 -2.47 5.38
C LEU C 192 -12.56 -2.16 6.81
N ILE C 193 -11.56 -2.14 7.70
CA ILE C 193 -11.81 -1.85 9.10
C ILE C 193 -11.64 -0.36 9.41
N THR C 194 -10.66 0.31 8.83
CA THR C 194 -10.37 1.68 9.23
C THR C 194 -11.22 2.72 8.51
N ARG C 195 -11.67 2.42 7.28
CA ARG C 195 -12.58 3.29 6.54
C ARG C 195 -13.79 2.50 6.05
N PRO C 196 -14.59 1.95 6.95
CA PRO C 196 -15.72 1.14 6.50
C PRO C 196 -16.68 1.96 5.66
N GLY C 197 -17.23 1.32 4.62
CA GLY C 197 -18.26 1.90 3.79
C GLY C 197 -19.65 1.41 4.16
N LEU C 198 -20.59 1.63 3.24
CA LEU C 198 -21.99 1.41 3.58
C LEU C 198 -22.29 -0.06 3.83
N MET C 199 -21.68 -0.94 3.06
CA MET C 199 -21.87 -2.37 3.27
C MET C 199 -20.69 -2.90 4.09
N ASN C 200 -20.54 -2.36 5.30
CA ASN C 200 -19.27 -2.44 5.99
C ASN C 200 -18.92 -3.86 6.40
N VAL C 201 -17.60 -4.12 6.51
CA VAL C 201 -17.07 -5.35 7.09
C VAL C 201 -16.36 -4.98 8.38
N ASP C 202 -16.58 -5.76 9.44
CA ASP C 202 -15.98 -5.48 10.75
C ASP C 202 -14.98 -6.58 11.14
N PHE C 203 -14.31 -6.33 12.26
CA PHE C 203 -13.15 -7.12 12.60
C PHE C 203 -13.50 -8.59 12.83
N ALA C 204 -14.71 -8.87 13.32
CA ALA C 204 -15.10 -10.26 13.55
C ALA C 204 -15.21 -11.03 12.23
N ASP C 205 -15.69 -10.38 11.18
CA ASP C 205 -15.81 -11.05 9.89
C ASP C 205 -14.47 -11.17 9.17
N VAL C 206 -13.59 -10.18 9.33
CA VAL C 206 -12.21 -10.39 8.91
C VAL C 206 -11.62 -11.57 9.67
N ARG C 207 -11.79 -11.60 10.99
CA ARG C 207 -11.30 -12.72 11.79
C ARG C 207 -11.83 -14.04 11.24
N THR C 208 -13.12 -14.07 10.93
CA THR C 208 -13.80 -15.28 10.49
C THR C 208 -13.21 -15.84 9.20
N VAL C 209 -13.09 -15.00 8.17
CA VAL C 209 -12.59 -15.48 6.88
C VAL C 209 -11.10 -15.74 6.87
N MET C 210 -10.36 -15.33 7.91
CA MET C 210 -8.91 -15.43 7.83
C MET C 210 -8.25 -16.24 8.93
N SER C 211 -8.97 -16.60 10.01
CA SER C 211 -8.31 -17.24 11.14
C SER C 211 -8.09 -18.71 10.85
N GLU C 212 -6.90 -19.20 11.18
CA GLU C 212 -6.41 -20.56 10.88
C GLU C 212 -6.82 -21.09 9.51
N MET C 213 -6.66 -20.27 8.46
CA MET C 213 -7.00 -20.62 7.08
C MET C 213 -5.81 -21.12 6.29
N GLY C 214 -4.64 -20.54 6.53
CA GLY C 214 -3.42 -21.03 5.91
C GLY C 214 -2.90 -20.14 4.80
N TYR C 215 -2.73 -20.77 3.63
CA TYR C 215 -2.16 -20.11 2.47
C TYR C 215 -3.18 -19.22 1.79
N ALA C 216 -2.76 -18.01 1.42
CA ALA C 216 -3.64 -17.04 0.78
C ALA C 216 -2.96 -16.39 -0.41
N MET C 217 -3.77 -15.83 -1.30
CA MET C 217 -3.30 -15.05 -2.45
C MET C 217 -4.29 -13.91 -2.68
N MET C 218 -3.86 -12.90 -3.43
CA MET C 218 -4.66 -11.70 -3.49
C MET C 218 -4.57 -11.07 -4.88
N GLY C 219 -5.59 -10.28 -5.22
CA GLY C 219 -5.65 -9.64 -6.53
C GLY C 219 -6.42 -8.35 -6.49
N SER C 220 -6.15 -7.48 -7.47
CA SER C 220 -6.74 -6.16 -7.43
C SER C 220 -6.91 -5.60 -8.84
N GLY C 221 -7.86 -4.67 -8.95
CA GLY C 221 -8.16 -4.01 -10.21
C GLY C 221 -8.75 -2.66 -9.95
N VAL C 222 -8.64 -1.78 -10.94
CA VAL C 222 -9.18 -0.43 -10.86
C VAL C 222 -9.65 -0.03 -12.25
N ALA C 223 -10.81 0.64 -12.31
CA ALA C 223 -11.35 1.02 -13.60
C ALA C 223 -12.07 2.37 -13.51
N SER C 224 -12.23 2.99 -14.68
CA SER C 224 -12.89 4.26 -14.85
C SER C 224 -14.03 4.11 -15.85
N GLY C 225 -15.01 4.96 -15.73
CA GLY C 225 -16.05 5.02 -16.74
C GLY C 225 -17.19 4.06 -16.53
N GLU C 226 -17.98 3.92 -17.59
CA GLU C 226 -19.32 3.37 -17.46
C GLU C 226 -19.31 1.92 -16.99
N ASP C 227 -18.25 1.18 -17.30
CA ASP C 227 -18.20 -0.24 -17.00
C ASP C 227 -17.18 -0.56 -15.93
N ARG C 228 -16.94 0.37 -15.02
CA ARG C 228 -15.86 0.21 -14.05
C ARG C 228 -16.04 -1.06 -13.22
N ALA C 229 -17.28 -1.39 -12.82
CA ALA C 229 -17.51 -2.52 -11.92
C ALA C 229 -17.01 -3.82 -12.52
N GLU C 230 -17.51 -4.17 -13.71
CA GLU C 230 -17.19 -5.47 -14.24
C GLU C 230 -15.74 -5.52 -14.74
N GLU C 231 -15.24 -4.41 -15.26
CA GLU C 231 -13.82 -4.32 -15.63
C GLU C 231 -12.91 -4.53 -14.42
N ALA C 232 -13.13 -3.78 -13.34
CA ALA C 232 -12.29 -3.91 -12.15
C ALA C 232 -12.33 -5.32 -11.57
N ALA C 233 -13.51 -5.91 -11.45
CA ALA C 233 -13.64 -7.26 -10.88
C ALA C 233 -12.96 -8.31 -11.77
N GLU C 234 -13.21 -8.26 -13.09
CA GLU C 234 -12.44 -9.13 -13.98
C GLU C 234 -10.96 -8.92 -13.80
N MET C 235 -10.53 -7.65 -13.67
CA MET C 235 -9.11 -7.34 -13.55
C MET C 235 -8.50 -7.96 -12.28
N ALA C 236 -9.18 -7.85 -11.14
CA ALA C 236 -8.64 -8.46 -9.92
C ALA C 236 -8.56 -9.97 -10.05
N ILE C 237 -9.64 -10.60 -10.56
CA ILE C 237 -9.73 -12.05 -10.67
C ILE C 237 -8.68 -12.62 -11.60
N SER C 238 -8.16 -11.82 -12.53
CA SER C 238 -7.19 -12.30 -13.50
C SER C 238 -5.80 -11.76 -13.25
N SER C 239 -5.59 -11.12 -12.11
CA SER C 239 -4.28 -10.56 -11.82
C SER C 239 -3.22 -11.65 -11.88
N PRO C 240 -2.01 -11.30 -12.34
CA PRO C 240 -0.89 -12.26 -12.26
C PRO C 240 -0.57 -12.69 -10.84
N LEU C 241 -0.69 -11.79 -9.86
CA LEU C 241 -0.48 -12.16 -8.47
C LEU C 241 -1.46 -13.24 -8.03
N LEU C 242 -2.69 -13.23 -8.56
CA LEU C 242 -3.73 -14.21 -8.25
C LEU C 242 -3.76 -15.41 -9.18
N GLU C 243 -3.19 -15.32 -10.38
CA GLU C 243 -3.57 -16.24 -11.45
C GLU C 243 -3.14 -17.69 -11.20
N ASP C 244 -2.23 -17.92 -10.26
CA ASP C 244 -1.74 -19.28 -10.08
C ASP C 244 -2.82 -20.19 -9.51
N ILE C 245 -3.57 -19.74 -8.50
CA ILE C 245 -4.59 -20.61 -7.94
C ILE C 245 -5.86 -20.55 -8.78
N ASP C 246 -6.65 -21.59 -8.63
CA ASP C 246 -8.02 -21.64 -9.12
C ASP C 246 -8.90 -21.14 -7.97
N LEU C 247 -9.68 -20.09 -8.24
CA LEU C 247 -10.49 -19.45 -7.19
C LEU C 247 -11.62 -20.34 -6.66
N SER C 248 -12.05 -21.34 -7.41
CA SER C 248 -13.05 -22.30 -6.91
C SER C 248 -12.51 -23.16 -5.79
N GLY C 249 -11.20 -23.26 -5.62
CA GLY C 249 -10.72 -24.13 -4.57
C GLY C 249 -10.46 -23.46 -3.24
N ALA C 250 -10.89 -22.22 -3.05
CA ALA C 250 -10.54 -21.48 -1.84
C ALA C 250 -11.63 -21.65 -0.81
N ARG C 251 -11.21 -21.98 0.42
CA ARG C 251 -12.18 -22.12 1.48
C ARG C 251 -12.80 -20.78 1.84
N GLY C 252 -12.10 -19.68 1.52
CA GLY C 252 -12.61 -18.36 1.77
C GLY C 252 -12.22 -17.41 0.65
N VAL C 253 -13.01 -16.35 0.53
CA VAL C 253 -12.70 -15.25 -0.37
C VAL C 253 -13.30 -14.00 0.23
N LEU C 254 -12.54 -12.92 0.21
CA LEU C 254 -12.93 -11.70 0.86
C LEU C 254 -12.71 -10.58 -0.15
N VAL C 255 -13.71 -9.74 -0.31
CA VAL C 255 -13.70 -8.76 -1.38
C VAL C 255 -13.94 -7.39 -0.77
N ASN C 256 -13.12 -6.42 -1.16
CA ASN C 256 -13.23 -5.03 -0.75
C ASN C 256 -13.49 -4.21 -1.99
N ILE C 257 -14.65 -3.58 -2.05
CA ILE C 257 -14.94 -2.57 -3.05
C ILE C 257 -14.62 -1.22 -2.44
N THR C 258 -13.61 -0.55 -2.97
CA THR C 258 -13.35 0.83 -2.60
C THR C 258 -13.93 1.75 -3.66
N ALA C 259 -14.64 2.77 -3.21
CA ALA C 259 -15.42 3.61 -4.10
C ALA C 259 -15.83 4.84 -3.32
N GLY C 260 -16.30 5.85 -4.05
CA GLY C 260 -16.85 7.06 -3.46
C GLY C 260 -18.34 6.97 -3.24
N PHE C 261 -19.01 8.11 -3.26
CA PHE C 261 -20.43 8.10 -2.96
C PHE C 261 -21.28 7.69 -4.16
N ASP C 262 -20.79 7.95 -5.38
CA ASP C 262 -21.46 7.56 -6.63
C ASP C 262 -21.43 6.02 -6.89
N LEU C 263 -21.05 5.15 -5.96
CA LEU C 263 -21.12 3.72 -6.20
C LEU C 263 -22.60 3.33 -6.30
N ARG C 264 -22.93 2.58 -7.34
CA ARG C 264 -24.29 2.21 -7.65
C ARG C 264 -24.62 0.83 -7.10
N LEU C 265 -25.92 0.63 -6.81
CA LEU C 265 -26.38 -0.62 -6.22
C LEU C 265 -26.23 -1.80 -7.18
N ASP C 266 -26.41 -1.58 -8.49
CA ASP C 266 -26.18 -2.67 -9.44
C ASP C 266 -24.69 -3.00 -9.58
N GLU C 267 -23.82 -2.00 -9.40
CA GLU C 267 -22.38 -2.24 -9.41
C GLU C 267 -21.96 -3.13 -8.25
N PHE C 268 -22.36 -2.79 -7.02
CA PHE C 268 -22.18 -3.70 -5.89
C PHE C 268 -22.84 -5.04 -6.17
N GLU C 269 -23.90 -5.05 -6.98
CA GLU C 269 -24.49 -6.31 -7.39
C GLU C 269 -23.56 -7.06 -8.33
N THR C 270 -23.03 -6.39 -9.35
CA THR C 270 -22.31 -7.14 -10.38
C THR C 270 -20.96 -7.66 -9.89
N VAL C 271 -20.29 -6.94 -8.99
CA VAL C 271 -19.02 -7.42 -8.49
C VAL C 271 -19.23 -8.66 -7.63
N GLY C 272 -20.19 -8.61 -6.71
CA GLY C 272 -20.50 -9.79 -5.91
C GLY C 272 -20.99 -10.96 -6.75
N ASN C 273 -21.85 -10.70 -7.72
CA ASN C 273 -22.32 -11.78 -8.58
C ASN C 273 -21.18 -12.36 -9.39
N THR C 274 -20.31 -11.50 -9.92
CA THR C 274 -19.15 -12.00 -10.65
C THR C 274 -18.23 -12.79 -9.74
N ILE C 275 -18.12 -12.38 -8.48
CA ILE C 275 -17.19 -13.07 -7.60
C ILE C 275 -17.85 -14.31 -6.98
N ARG C 276 -19.17 -14.29 -6.75
CA ARG C 276 -19.86 -15.49 -6.27
C ARG C 276 -19.95 -16.57 -7.35
N ALA C 277 -19.70 -16.21 -8.61
CA ALA C 277 -19.75 -17.13 -9.73
C ALA C 277 -18.44 -17.87 -9.96
N PHE C 278 -17.35 -17.40 -9.36
CA PHE C 278 -16.05 -18.01 -9.57
C PHE C 278 -15.55 -18.80 -8.37
N ALA C 279 -16.29 -18.85 -7.27
CA ALA C 279 -15.83 -19.53 -6.07
C ALA C 279 -16.61 -20.81 -5.85
N SER C 280 -16.08 -21.68 -5.00
CA SER C 280 -16.86 -22.86 -4.61
C SER C 280 -18.11 -22.42 -3.86
N ASP C 281 -19.22 -23.13 -4.09
CA ASP C 281 -20.47 -22.77 -3.44
C ASP C 281 -20.51 -23.15 -1.97
N ASN C 282 -19.42 -23.76 -1.45
CA ASN C 282 -19.24 -23.98 -0.03
C ASN C 282 -18.20 -23.04 0.57
N ALA C 283 -17.72 -22.08 -0.21
CA ALA C 283 -16.76 -21.11 0.31
C ALA C 283 -17.50 -20.03 1.09
N THR C 284 -16.97 -19.69 2.26
CA THR C 284 -17.48 -18.52 2.98
C THR C 284 -17.05 -17.26 2.22
N VAL C 285 -18.03 -16.44 1.83
CA VAL C 285 -17.80 -15.32 0.91
C VAL C 285 -18.27 -14.04 1.58
N VAL C 286 -17.36 -13.07 1.70
CA VAL C 286 -17.61 -11.85 2.46
C VAL C 286 -17.29 -10.67 1.57
N ILE C 287 -18.32 -9.90 1.21
CA ILE C 287 -18.17 -8.78 0.29
C ILE C 287 -18.54 -7.52 1.04
N GLY C 288 -17.63 -6.57 1.06
CA GLY C 288 -17.90 -5.29 1.67
C GLY C 288 -17.29 -4.14 0.88
N THR C 289 -17.49 -2.95 1.43
CA THR C 289 -16.96 -1.75 0.82
C THR C 289 -16.14 -0.99 1.85
N SER C 290 -15.20 -0.18 1.35
CA SER C 290 -14.64 0.93 2.10
C SER C 290 -14.87 2.21 1.31
N LEU C 291 -14.95 3.33 2.02
CA LEU C 291 -15.27 4.59 1.38
C LEU C 291 -14.01 5.42 1.21
N ASP C 292 -13.69 5.75 -0.05
CA ASP C 292 -12.74 6.78 -0.42
C ASP C 292 -13.54 7.99 -0.91
N PRO C 293 -13.64 9.07 -0.14
CA PRO C 293 -14.50 10.19 -0.55
C PRO C 293 -14.10 10.82 -1.89
N ASP C 294 -12.83 10.76 -2.28
CA ASP C 294 -12.36 11.47 -3.45
C ASP C 294 -12.31 10.59 -4.70
N MET C 295 -13.02 9.46 -4.70
CA MET C 295 -13.13 8.67 -5.91
C MET C 295 -14.38 9.10 -6.67
N ASN C 296 -14.20 9.32 -7.96
CA ASN C 296 -15.20 9.93 -8.82
C ASN C 296 -15.18 9.13 -10.12
N ASP C 297 -16.27 8.43 -10.41
CA ASP C 297 -16.39 7.66 -11.65
C ASP C 297 -15.27 6.63 -11.78
N GLU C 298 -14.93 6.02 -10.66
CA GLU C 298 -13.91 4.98 -10.64
C GLU C 298 -14.18 4.10 -9.43
N LEU C 299 -13.70 2.86 -9.50
CA LEU C 299 -13.79 1.98 -8.34
C LEU C 299 -12.59 1.03 -8.35
N ARG C 300 -12.32 0.49 -7.18
CA ARG C 300 -11.29 -0.54 -7.03
C ARG C 300 -11.92 -1.80 -6.44
N VAL C 301 -11.43 -2.96 -6.88
CA VAL C 301 -11.87 -4.26 -6.38
C VAL C 301 -10.64 -5.03 -5.90
N THR C 302 -10.59 -5.34 -4.62
CA THR C 302 -9.52 -6.16 -4.07
C THR C 302 -10.07 -7.50 -3.60
N VAL C 303 -9.47 -8.58 -4.10
CA VAL C 303 -9.86 -9.96 -3.79
C VAL C 303 -8.73 -10.62 -3.01
N VAL C 304 -9.08 -11.25 -1.89
CA VAL C 304 -8.16 -12.12 -1.17
C VAL C 304 -8.81 -13.50 -1.12
N ALA C 305 -8.09 -14.50 -1.61
CA ALA C 305 -8.53 -15.89 -1.52
C ALA C 305 -7.78 -16.50 -0.35
N THR C 306 -8.52 -17.16 0.55
CA THR C 306 -7.97 -17.69 1.79
C THR C 306 -8.20 -19.18 1.87
N GLY C 307 -7.35 -19.85 2.64
CA GLY C 307 -7.30 -21.30 2.65
C GLY C 307 -7.24 -21.92 1.28
N ILE C 308 -6.19 -21.62 0.49
CA ILE C 308 -6.08 -22.21 -0.84
C ILE C 308 -5.28 -23.50 -0.72
N GLY C 309 -5.10 -24.20 -1.84
CA GLY C 309 -4.50 -25.52 -1.81
C GLY C 309 -5.39 -26.51 -1.07
N SER D 5 6.49 8.91 -6.88
CA SER D 5 5.47 9.54 -7.73
C SER D 5 5.33 8.93 -9.13
N VAL D 6 4.10 8.79 -9.62
CA VAL D 6 3.79 8.25 -10.95
C VAL D 6 2.75 9.14 -11.62
N PRO D 7 2.98 9.62 -12.85
CA PRO D 7 4.27 9.47 -13.57
C PRO D 7 5.36 10.29 -12.92
N THR D 8 6.59 10.10 -13.37
CA THR D 8 7.69 10.85 -12.80
C THR D 8 7.97 12.14 -13.56
N LYS D 9 7.76 12.15 -14.88
CA LYS D 9 7.90 13.35 -15.69
C LYS D 9 6.56 13.86 -16.20
N LEU D 10 6.58 15.10 -16.68
CA LEU D 10 5.41 15.78 -17.21
C LEU D 10 5.84 17.07 -17.90
N GLU D 11 6.20 17.00 -19.18
CA GLU D 11 6.63 18.19 -19.91
C GLU D 11 5.67 18.46 -21.07
N VAL D 12 5.63 19.73 -21.50
CA VAL D 12 4.90 20.15 -22.70
C VAL D 12 5.84 20.11 -23.90
N VAL D 13 5.44 19.37 -24.93
CA VAL D 13 6.30 19.08 -26.08
C VAL D 13 6.07 20.02 -27.26
N ALA D 14 4.93 20.69 -27.33
CA ALA D 14 4.66 21.70 -28.36
C ALA D 14 3.59 22.66 -27.85
N ALA D 15 3.73 23.94 -28.22
CA ALA D 15 2.90 25.02 -27.68
C ALA D 15 2.32 25.90 -28.78
N THR D 16 1.05 26.26 -28.62
CA THR D 16 0.25 27.10 -29.51
C THR D 16 -0.79 27.80 -28.64
N PRO D 17 -1.71 28.68 -29.22
CA PRO D 17 -2.69 29.44 -28.40
C PRO D 17 -3.31 28.76 -27.19
N THR D 18 -4.38 27.97 -27.35
CA THR D 18 -4.91 27.16 -26.24
C THR D 18 -5.04 25.70 -26.70
N SER D 19 -3.88 25.14 -27.05
CA SER D 19 -3.77 23.75 -27.47
C SER D 19 -2.32 23.32 -27.24
N LEU D 20 -2.10 22.36 -26.36
CA LEU D 20 -0.74 21.98 -25.95
C LEU D 20 -0.61 20.46 -25.92
N LEU D 21 0.64 19.98 -26.03
CA LEU D 21 0.97 18.56 -26.14
C LEU D 21 1.65 18.11 -24.85
N ILE D 22 0.93 17.30 -24.06
CA ILE D 22 1.41 16.71 -22.81
C ILE D 22 2.16 15.42 -23.13
N SER D 23 3.35 15.24 -22.54
CA SER D 23 4.13 14.01 -22.70
C SER D 23 4.80 13.69 -21.38
N TRP D 24 4.43 12.56 -20.80
CA TRP D 24 5.05 12.04 -19.60
C TRP D 24 5.76 10.73 -19.94
N ASP D 25 6.60 10.29 -18.99
CA ASP D 25 7.37 9.08 -19.24
C ASP D 25 6.47 7.85 -19.16
N ALA D 26 6.92 6.77 -19.81
CA ALA D 26 6.20 5.51 -19.72
C ALA D 26 6.42 4.91 -18.33
N PRO D 27 5.42 4.28 -17.75
CA PRO D 27 5.44 3.94 -16.32
C PRO D 27 6.17 2.63 -16.05
N ALA D 28 6.65 2.49 -14.80
CA ALA D 28 7.44 1.30 -14.42
C ALA D 28 6.56 0.06 -14.29
N VAL D 29 5.33 0.23 -13.81
CA VAL D 29 4.32 -0.81 -13.63
C VAL D 29 3.04 -0.43 -14.38
N THR D 30 2.28 -1.44 -14.79
CA THR D 30 1.10 -1.24 -15.63
C THR D 30 0.12 -0.24 -15.04
N VAL D 31 -0.30 0.70 -15.86
CA VAL D 31 -1.30 1.67 -15.45
C VAL D 31 -2.63 1.32 -16.12
N SER D 32 -3.70 1.39 -15.36
CA SER D 32 -5.00 1.07 -15.92
C SER D 32 -5.50 2.24 -16.74
N TYR D 33 -5.50 3.43 -16.14
CA TYR D 33 -5.98 4.63 -16.80
C TYR D 33 -5.31 5.81 -16.13
N TYR D 34 -5.07 6.87 -16.89
CA TYR D 34 -4.56 8.09 -16.32
C TYR D 34 -5.72 9.05 -16.08
N ARG D 35 -5.60 9.83 -15.02
CA ARG D 35 -6.51 10.91 -14.70
C ARG D 35 -5.75 12.23 -14.83
N ILE D 36 -6.30 13.14 -15.63
CA ILE D 36 -5.60 14.36 -16.04
C ILE D 36 -6.49 15.56 -15.73
N THR D 37 -5.98 16.50 -14.91
CA THR D 37 -6.79 17.60 -14.40
C THR D 37 -6.18 18.96 -14.74
N TYR D 38 -7.05 19.95 -14.85
CA TYR D 38 -6.68 21.36 -14.94
C TYR D 38 -7.36 22.14 -13.82
N GLY D 39 -6.62 23.02 -13.16
CA GLY D 39 -7.17 23.72 -12.03
C GLY D 39 -7.23 25.22 -12.19
N GLU D 40 -7.00 25.94 -11.08
CA GLU D 40 -6.94 27.39 -11.03
C GLU D 40 -6.65 27.84 -9.60
N THR D 41 -5.60 28.65 -9.39
CA THR D 41 -5.32 29.13 -8.04
C THR D 41 -6.44 30.03 -7.54
N GLY D 42 -7.14 30.70 -8.44
CA GLY D 42 -8.39 31.35 -8.07
C GLY D 42 -9.47 30.30 -7.82
N GLY D 43 -10.27 30.52 -6.76
CA GLY D 43 -11.21 29.53 -6.28
C GLY D 43 -12.19 28.93 -7.28
N ASN D 44 -11.97 29.17 -8.58
CA ASN D 44 -12.79 28.57 -9.64
C ASN D 44 -12.78 27.05 -9.59
N SER D 45 -11.75 26.44 -8.96
CA SER D 45 -11.43 25.01 -8.91
C SER D 45 -12.10 24.28 -10.07
N PRO D 46 -11.83 24.67 -11.30
CA PRO D 46 -12.54 24.06 -12.44
C PRO D 46 -12.29 22.57 -12.52
N VAL D 47 -11.23 22.08 -11.89
CA VAL D 47 -10.85 20.66 -11.81
C VAL D 47 -11.18 19.96 -13.13
N GLN D 48 -12.47 19.65 -13.35
CA GLN D 48 -13.00 18.94 -14.52
C GLN D 48 -11.94 18.12 -15.25
N GLU D 49 -11.65 16.95 -14.72
CA GLU D 49 -10.64 16.08 -15.26
C GLU D 49 -11.13 15.46 -16.58
N PHE D 50 -10.23 14.76 -17.25
CA PHE D 50 -10.61 13.73 -18.20
C PHE D 50 -9.66 12.56 -18.00
N THR D 51 -9.97 11.44 -18.64
CA THR D 51 -9.20 10.23 -18.46
C THR D 51 -8.49 9.87 -19.76
N VAL D 52 -7.44 9.07 -19.63
CA VAL D 52 -6.66 8.58 -20.77
C VAL D 52 -6.38 7.11 -20.47
N PRO D 53 -6.40 6.22 -21.47
CA PRO D 53 -5.97 4.82 -21.24
C PRO D 53 -4.51 4.72 -20.81
N GLY D 54 -4.22 3.74 -19.96
CA GLY D 54 -2.86 3.55 -19.46
C GLY D 54 -1.82 3.32 -20.55
N SER D 55 -2.25 2.85 -21.73
CA SER D 55 -1.36 2.67 -22.87
C SER D 55 -0.73 3.97 -23.34
N LYS D 56 -1.31 5.11 -22.99
CA LYS D 56 -0.95 6.38 -23.60
C LYS D 56 0.11 7.10 -22.78
N SER D 57 1.20 7.51 -23.42
CA SER D 57 2.23 8.34 -22.81
C SER D 57 2.09 9.81 -23.16
N THR D 58 1.02 10.18 -23.86
CA THR D 58 0.85 11.53 -24.40
C THR D 58 -0.62 11.91 -24.33
N ALA D 59 -0.87 13.21 -24.26
CA ALA D 59 -2.24 13.72 -24.31
C ALA D 59 -2.29 15.00 -25.14
N THR D 60 -3.50 15.36 -25.56
CA THR D 60 -3.81 16.69 -26.04
C THR D 60 -4.89 17.26 -25.15
N ILE D 61 -4.74 18.51 -24.73
CA ILE D 61 -5.62 19.11 -23.74
C ILE D 61 -6.62 20.04 -24.42
N SER D 62 -7.89 19.90 -24.06
CA SER D 62 -8.95 20.79 -24.53
C SER D 62 -8.64 22.24 -24.17
N GLY D 63 -9.24 23.16 -24.93
CA GLY D 63 -9.05 24.57 -24.68
C GLY D 63 -9.82 25.08 -23.48
N LEU D 64 -9.38 26.24 -22.98
CA LEU D 64 -10.00 26.97 -21.88
C LEU D 64 -9.50 28.40 -21.98
N SER D 65 -9.98 29.26 -21.08
CA SER D 65 -9.67 30.69 -21.09
C SER D 65 -8.16 30.92 -21.04
N PRO D 66 -7.49 31.33 -22.17
CA PRO D 66 -6.01 31.47 -22.14
C PRO D 66 -5.52 32.69 -21.38
N GLY D 67 -5.72 32.69 -20.05
CA GLY D 67 -5.29 33.78 -19.18
C GLY D 67 -5.72 33.74 -17.72
N VAL D 68 -5.47 32.62 -17.03
CA VAL D 68 -5.47 32.52 -15.56
C VAL D 68 -4.46 31.45 -15.17
N ASP D 69 -4.53 30.96 -13.93
CA ASP D 69 -3.71 29.83 -13.46
C ASP D 69 -4.47 28.53 -13.63
N TYR D 70 -3.75 27.47 -13.98
CA TYR D 70 -4.29 26.12 -14.15
C TYR D 70 -3.32 25.14 -13.49
N THR D 71 -3.82 24.24 -12.65
CA THR D 71 -2.99 23.26 -11.95
C THR D 71 -3.06 21.91 -12.67
N ILE D 72 -2.02 21.61 -13.45
CA ILE D 72 -1.99 20.43 -14.33
C ILE D 72 -1.41 19.25 -13.55
N THR D 73 -2.27 18.39 -13.03
CA THR D 73 -1.85 17.21 -12.27
C THR D 73 -2.30 15.92 -12.98
N VAL D 74 -1.35 14.98 -13.16
CA VAL D 74 -1.57 13.72 -13.86
C VAL D 74 -1.50 12.57 -12.86
N TYR D 75 -2.66 11.96 -12.58
CA TYR D 75 -2.76 10.81 -11.69
C TYR D 75 -2.68 9.51 -12.47
N ALA D 76 -1.79 8.62 -12.04
CA ALA D 76 -1.69 7.28 -12.63
C ALA D 76 -2.42 6.30 -11.73
N ARG D 77 -3.39 5.60 -12.28
CA ARG D 77 -4.27 4.72 -11.51
C ARG D 77 -3.94 3.28 -11.86
N SER D 78 -3.31 2.58 -10.93
CA SER D 78 -2.75 1.26 -11.19
C SER D 78 -3.43 0.25 -10.30
N ALA D 79 -3.60 -0.97 -10.85
CA ALA D 79 -4.02 -2.09 -10.02
C ALA D 79 -3.04 -2.35 -8.89
N TYR D 80 -1.77 -1.98 -9.09
CA TYR D 80 -0.67 -2.45 -8.26
C TYR D 80 -0.05 -1.40 -7.35
N HIS D 81 -0.51 -0.14 -7.41
CA HIS D 81 -0.09 0.82 -6.42
C HIS D 81 -1.19 1.86 -6.19
N ARG D 82 -0.85 2.82 -5.35
CA ARG D 82 -1.64 3.99 -5.04
C ARG D 82 -0.72 5.20 -4.99
N ARG D 83 0.13 5.35 -5.99
CA ARG D 83 1.18 6.35 -5.86
C ARG D 83 0.60 7.74 -6.07
N SER D 84 1.38 8.75 -5.70
CA SER D 84 1.03 10.15 -5.82
C SER D 84 1.35 10.69 -7.20
N PRO D 85 0.57 11.66 -7.69
CA PRO D 85 0.77 12.21 -9.03
C PRO D 85 1.79 13.33 -9.10
N ILE D 86 2.47 13.43 -10.29
CA ILE D 86 3.36 14.54 -10.60
C ILE D 86 2.56 15.59 -11.33
N SER D 87 2.96 16.85 -11.16
CA SER D 87 2.08 17.94 -11.54
C SER D 87 2.87 19.12 -12.07
N ILE D 88 2.12 20.05 -12.68
CA ILE D 88 2.57 21.41 -12.95
C ILE D 88 1.37 22.32 -12.73
N ASN D 89 1.62 23.60 -12.48
CA ASN D 89 0.62 24.61 -12.78
C ASN D 89 1.23 25.65 -13.69
N TYR D 90 0.37 26.49 -14.28
CA TYR D 90 0.77 27.25 -15.46
C TYR D 90 -0.25 28.37 -15.67
N ARG D 91 0.13 29.61 -15.33
CA ARG D 91 -0.64 30.76 -15.75
C ARG D 91 -0.52 30.93 -17.25
N THR D 92 -1.62 31.33 -17.89
CA THR D 92 -1.64 31.42 -19.34
C THR D 92 -2.07 32.79 -19.85
N ALA E 4 -48.99 9.06 26.73
CA ALA E 4 -48.60 7.77 26.16
C ALA E 4 -47.13 7.82 25.81
N VAL E 5 -46.39 6.75 26.14
CA VAL E 5 -44.94 6.79 26.16
C VAL E 5 -44.40 5.65 25.32
N ILE E 6 -43.72 5.99 24.23
CA ILE E 6 -43.35 5.03 23.21
C ILE E 6 -41.88 5.24 22.83
N LYS E 7 -41.20 4.15 22.54
CA LYS E 7 -39.75 4.16 22.47
C LYS E 7 -39.31 3.34 21.26
N VAL E 8 -38.50 3.96 20.41
CA VAL E 8 -38.03 3.33 19.18
C VAL E 8 -36.55 3.00 19.32
N ILE E 9 -36.21 1.75 19.03
CA ILE E 9 -34.87 1.24 19.27
C ILE E 9 -34.40 0.52 18.00
N GLY E 10 -33.37 1.06 17.37
CA GLY E 10 -32.72 0.39 16.27
C GLY E 10 -31.63 -0.52 16.80
N VAL E 11 -31.63 -1.76 16.34
CA VAL E 11 -30.70 -2.79 16.78
C VAL E 11 -29.74 -3.08 15.64
N GLY E 12 -28.45 -2.87 15.90
CA GLY E 12 -27.44 -3.03 14.88
C GLY E 12 -27.25 -1.79 14.02
N GLY E 13 -26.46 -1.98 12.95
CA GLY E 13 -26.06 -0.88 12.10
C GLY E 13 -27.10 -0.48 11.07
N GLY E 14 -27.67 -1.46 10.38
CA GLY E 14 -28.89 -1.22 9.62
C GLY E 14 -29.95 -0.47 10.40
N GLY E 15 -30.29 -0.93 11.61
CA GLY E 15 -31.36 -0.29 12.36
C GLY E 15 -30.98 1.09 12.88
N GLY E 16 -29.78 1.23 13.43
CA GLY E 16 -29.35 2.52 13.92
C GLY E 16 -29.23 3.56 12.82
N ASN E 17 -28.91 3.13 11.60
CA ASN E 17 -28.98 4.04 10.46
C ASN E 17 -30.42 4.44 10.19
N ALA E 18 -31.36 3.49 10.33
CA ALA E 18 -32.76 3.83 10.20
C ALA E 18 -33.19 4.81 11.28
N VAL E 19 -32.87 4.50 12.55
CA VAL E 19 -33.37 5.35 13.63
C VAL E 19 -32.72 6.74 13.60
N GLU E 20 -31.46 6.84 13.19
CA GLU E 20 -30.82 8.14 13.11
C GLU E 20 -31.50 9.03 12.08
N HIS E 21 -31.94 8.43 10.97
CA HIS E 21 -32.71 9.14 9.96
C HIS E 21 -34.10 9.54 10.47
N MET E 22 -34.74 8.66 11.24
CA MET E 22 -35.96 9.05 11.94
C MET E 22 -35.73 10.26 12.82
N VAL E 23 -34.62 10.31 13.56
CA VAL E 23 -34.39 11.47 14.42
C VAL E 23 -34.20 12.74 13.59
N ARG E 24 -33.52 12.62 12.44
CA ARG E 24 -33.22 13.79 11.64
C ARG E 24 -34.45 14.35 10.92
N GLU E 25 -35.47 13.55 10.70
CA GLU E 25 -36.72 14.07 10.15
C GLU E 25 -37.82 14.21 11.21
N ARG E 26 -37.57 13.72 12.43
CA ARG E 26 -38.49 13.74 13.56
C ARG E 26 -39.73 12.85 13.37
N ILE E 27 -40.16 12.23 14.47
CA ILE E 27 -41.43 11.51 14.57
C ILE E 27 -42.05 12.03 15.85
N GLU E 28 -43.19 12.69 15.74
CA GLU E 28 -43.62 13.50 16.87
C GLU E 28 -43.83 12.64 18.12
N GLY E 29 -43.29 13.14 19.22
CA GLY E 29 -43.43 12.51 20.51
C GLY E 29 -42.90 11.10 20.53
N VAL E 30 -41.65 10.90 20.12
CA VAL E 30 -41.01 9.59 20.21
C VAL E 30 -39.71 9.76 20.97
N GLU E 31 -39.38 8.79 21.83
CA GLU E 31 -38.04 8.64 22.39
C GLU E 31 -37.30 7.63 21.53
N PHE E 32 -36.23 8.06 20.87
CA PHE E 32 -35.43 7.17 20.03
C PHE E 32 -34.25 6.64 20.81
N PHE E 33 -33.76 5.46 20.39
CA PHE E 33 -32.63 4.77 21.01
C PHE E 33 -31.88 4.00 19.92
N ALA E 34 -30.59 3.72 20.17
CA ALA E 34 -29.80 2.91 19.25
C ALA E 34 -28.83 2.03 20.04
N VAL E 35 -28.93 0.72 19.84
CA VAL E 35 -28.09 -0.27 20.48
C VAL E 35 -27.27 -0.97 19.41
N ASN E 36 -26.03 -1.33 19.75
CA ASN E 36 -25.15 -2.04 18.84
C ASN E 36 -23.96 -2.58 19.62
N THR E 37 -23.29 -3.57 19.02
CA THR E 37 -22.02 -4.10 19.52
C THR E 37 -20.85 -3.20 19.14
N ASP E 38 -20.86 -2.67 17.92
CA ASP E 38 -19.76 -1.82 17.44
C ASP E 38 -19.78 -0.47 18.15
N ALA E 39 -18.71 -0.17 18.89
CA ALA E 39 -18.66 1.06 19.66
C ALA E 39 -18.35 2.26 18.78
N GLN E 40 -17.48 2.09 17.76
CA GLN E 40 -17.17 3.17 16.84
C GLN E 40 -18.41 3.59 16.05
N ALA E 41 -19.42 2.73 15.95
CA ALA E 41 -20.69 3.12 15.33
C ALA E 41 -21.55 3.95 16.25
N LEU E 42 -21.54 3.64 17.56
CA LEU E 42 -22.39 4.36 18.49
C LEU E 42 -21.96 5.80 18.74
N ARG E 43 -20.69 6.12 18.50
CA ARG E 43 -20.23 7.49 18.62
C ARG E 43 -20.41 8.27 17.32
N LYS E 44 -20.50 7.58 16.18
CA LYS E 44 -20.78 8.29 14.93
C LYS E 44 -22.25 8.69 14.87
N THR E 45 -23.16 7.73 15.01
CA THR E 45 -24.58 8.00 14.85
C THR E 45 -25.06 9.01 15.89
N ALA E 46 -26.06 9.79 15.50
CA ALA E 46 -26.65 10.86 16.32
C ALA E 46 -28.05 10.41 16.74
N VAL E 47 -28.12 9.66 17.84
CA VAL E 47 -29.38 9.10 18.32
C VAL E 47 -29.64 9.42 19.78
N GLY E 48 -28.71 10.07 20.46
CA GLY E 48 -28.98 10.55 21.79
C GLY E 48 -28.71 9.49 22.82
N GLN E 49 -29.65 8.57 23.03
CA GLN E 49 -29.42 7.48 23.96
C GLN E 49 -28.96 6.26 23.19
N THR E 50 -27.72 5.86 23.43
CA THR E 50 -27.12 4.65 22.90
C THR E 50 -26.90 3.63 24.01
N ILE E 51 -26.87 2.36 23.64
CA ILE E 51 -26.65 1.25 24.55
C ILE E 51 -25.63 0.33 23.89
N GLN E 52 -24.38 0.34 24.36
CA GLN E 52 -23.38 -0.57 23.80
C GLN E 52 -23.46 -1.92 24.50
N ILE E 53 -23.89 -2.94 23.77
CA ILE E 53 -24.06 -4.26 24.32
C ILE E 53 -22.89 -5.16 23.92
N GLY E 54 -22.70 -6.24 24.66
CA GLY E 54 -21.70 -7.24 24.31
C GLY E 54 -20.28 -6.76 24.42
N SER E 55 -20.02 -5.77 25.28
CA SER E 55 -18.67 -5.26 25.47
C SER E 55 -17.71 -6.36 25.94
N GLY E 56 -18.23 -7.36 26.66
CA GLY E 56 -17.35 -8.43 27.13
C GLY E 56 -16.97 -9.38 26.02
N ILE E 57 -17.93 -9.76 25.17
CA ILE E 57 -17.68 -10.78 24.16
C ILE E 57 -17.16 -10.22 22.84
N THR E 58 -17.35 -8.93 22.57
CA THR E 58 -16.86 -8.33 21.35
C THR E 58 -15.77 -7.29 21.60
N LYS E 59 -15.52 -6.94 22.86
CA LYS E 59 -14.60 -5.86 23.23
C LYS E 59 -15.01 -4.52 22.61
N GLY E 60 -16.15 -4.48 21.92
CA GLY E 60 -16.61 -3.28 21.27
C GLY E 60 -16.37 -3.19 19.78
N LEU E 61 -15.96 -4.29 19.14
CA LEU E 61 -15.54 -4.30 17.75
C LEU E 61 -16.62 -4.80 16.80
N GLY E 62 -17.84 -4.97 17.30
CA GLY E 62 -18.90 -5.52 16.48
C GLY E 62 -18.90 -7.02 16.56
N ALA E 63 -20.06 -7.65 16.36
CA ALA E 63 -20.22 -9.09 16.42
C ALA E 63 -20.06 -9.77 15.07
N GLY E 64 -19.77 -9.00 14.02
CA GLY E 64 -19.75 -9.58 12.68
C GLY E 64 -21.11 -10.09 12.27
N ALA E 65 -21.11 -11.24 11.59
CA ALA E 65 -22.29 -11.77 10.92
C ALA E 65 -22.81 -13.05 11.56
N ASN E 66 -22.38 -13.39 12.77
CA ASN E 66 -22.90 -14.57 13.46
C ASN E 66 -23.96 -14.14 14.48
N PRO E 67 -25.24 -14.49 14.29
CA PRO E 67 -26.27 -14.01 15.21
C PRO E 67 -26.07 -14.48 16.63
N GLU E 68 -25.51 -15.67 16.81
CA GLU E 68 -25.28 -16.21 18.14
C GLU E 68 -24.47 -15.24 19.03
N VAL E 69 -23.57 -14.44 18.46
CA VAL E 69 -22.85 -13.50 19.32
C VAL E 69 -23.67 -12.25 19.52
N GLY E 70 -24.39 -11.80 18.49
CA GLY E 70 -25.45 -10.83 18.72
C GLY E 70 -26.37 -11.25 19.85
N ARG E 71 -26.82 -12.51 19.82
CA ARG E 71 -27.60 -13.03 20.93
C ARG E 71 -26.84 -12.90 22.25
N ASN E 72 -25.63 -13.47 22.30
CA ASN E 72 -24.83 -13.43 23.52
C ASN E 72 -24.44 -12.00 23.88
N ALA E 73 -24.17 -11.15 22.89
CA ALA E 73 -23.81 -9.77 23.19
C ALA E 73 -24.90 -9.07 23.99
N ALA E 74 -26.16 -9.25 23.58
CA ALA E 74 -27.29 -8.63 24.27
C ALA E 74 -27.79 -9.47 25.44
N ASP E 75 -27.86 -10.80 25.28
CA ASP E 75 -28.23 -11.69 26.38
C ASP E 75 -27.39 -11.43 27.62
N GLU E 76 -26.21 -10.85 27.44
CA GLU E 76 -25.39 -10.42 28.57
C GLU E 76 -25.92 -9.13 29.19
N ASP E 77 -26.10 -8.08 28.37
CA ASP E 77 -26.55 -6.76 28.82
C ASP E 77 -28.04 -6.66 29.12
N ARG E 78 -28.67 -7.68 29.68
CA ARG E 78 -30.14 -7.70 29.77
C ARG E 78 -30.71 -6.57 30.63
N ASP E 79 -29.92 -5.99 31.53
CA ASP E 79 -30.49 -5.00 32.43
C ASP E 79 -30.11 -3.56 32.09
N ALA E 80 -29.10 -3.35 31.24
CA ALA E 80 -28.98 -2.05 30.62
C ALA E 80 -30.16 -1.79 29.69
N LEU E 81 -30.65 -2.85 29.06
CA LEU E 81 -31.83 -2.75 28.20
C LEU E 81 -33.09 -2.57 29.03
N ARG E 82 -33.25 -3.38 30.07
CA ARG E 82 -34.39 -3.24 30.96
C ARG E 82 -34.49 -1.81 31.49
N ALA E 83 -33.38 -1.28 32.00
CA ALA E 83 -33.40 0.05 32.61
C ALA E 83 -33.85 1.12 31.62
N ALA E 84 -33.59 0.94 30.33
CA ALA E 84 -33.93 1.96 29.35
C ALA E 84 -35.36 1.82 28.86
N LEU E 85 -35.89 0.59 28.81
CA LEU E 85 -37.29 0.36 28.47
C LEU E 85 -38.23 0.71 29.60
N GLU E 86 -37.72 0.91 30.82
CA GLU E 86 -38.51 1.19 32.01
C GLU E 86 -39.57 2.26 31.74
N GLY E 87 -40.83 1.84 31.75
CA GLY E 87 -41.94 2.78 31.67
C GLY E 87 -42.31 3.19 30.26
N ALA E 88 -42.59 2.20 29.41
CA ALA E 88 -43.10 2.44 28.07
C ALA E 88 -44.48 1.80 27.95
N ASP E 89 -45.29 2.38 27.09
CA ASP E 89 -46.54 1.74 26.71
C ASP E 89 -46.39 0.93 25.43
N MET E 90 -45.32 1.20 24.69
CA MET E 90 -45.15 0.58 23.39
C MET E 90 -43.74 0.86 22.90
N VAL E 91 -43.10 -0.19 22.37
CA VAL E 91 -41.78 -0.06 21.74
C VAL E 91 -41.85 -0.56 20.31
N PHE E 92 -41.16 0.15 19.45
CA PHE E 92 -40.81 -0.33 18.11
C PHE E 92 -39.34 -0.71 18.13
N ILE E 93 -39.04 -1.95 17.74
CA ILE E 93 -37.67 -2.39 17.53
C ILE E 93 -37.40 -2.42 16.02
N ALA E 94 -36.32 -1.75 15.61
CA ALA E 94 -35.96 -1.59 14.20
C ALA E 94 -34.64 -2.27 13.93
N ALA E 95 -34.61 -3.12 12.90
CA ALA E 95 -33.45 -3.95 12.59
C ALA E 95 -33.42 -4.30 11.10
N GLY E 96 -32.22 -4.42 10.56
CA GLY E 96 -32.01 -5.04 9.27
C GLY E 96 -31.55 -6.46 9.51
N MET E 97 -32.39 -7.43 9.13
CA MET E 97 -32.11 -8.83 9.38
C MET E 97 -31.08 -9.37 8.38
N GLY E 98 -30.08 -10.10 8.90
CA GLY E 98 -29.01 -10.65 8.10
C GLY E 98 -27.61 -10.48 8.68
N GLY E 99 -27.43 -9.53 9.60
CA GLY E 99 -26.18 -9.33 10.27
C GLY E 99 -26.08 -10.19 11.52
N GLY E 100 -25.17 -9.80 12.40
CA GLY E 100 -24.99 -10.53 13.62
C GLY E 100 -25.72 -9.84 14.74
N THR E 101 -25.55 -8.53 14.84
CA THR E 101 -26.18 -7.81 15.94
C THR E 101 -27.70 -7.74 15.74
N GLY E 102 -28.14 -7.18 14.62
CA GLY E 102 -29.56 -7.12 14.34
C GLY E 102 -30.24 -8.48 14.47
N THR E 103 -29.76 -9.47 13.75
CA THR E 103 -30.45 -10.75 13.72
C THR E 103 -30.39 -11.46 15.07
N GLY E 104 -29.25 -11.42 15.75
CA GLY E 104 -29.13 -12.12 17.01
C GLY E 104 -29.74 -11.41 18.21
N ALA E 105 -29.63 -10.08 18.27
CA ALA E 105 -29.99 -9.32 19.48
C ALA E 105 -31.38 -8.71 19.45
N ALA E 106 -31.95 -8.46 18.27
CA ALA E 106 -33.32 -7.99 18.21
C ALA E 106 -34.29 -8.91 18.95
N PRO E 107 -34.20 -10.24 18.83
CA PRO E 107 -35.14 -11.08 19.58
C PRO E 107 -35.06 -10.91 21.08
N VAL E 108 -33.88 -10.66 21.64
CA VAL E 108 -33.80 -10.52 23.09
C VAL E 108 -34.10 -9.10 23.55
N VAL E 109 -34.01 -8.11 22.66
CA VAL E 109 -34.53 -6.80 23.00
C VAL E 109 -36.04 -6.85 23.02
N ALA E 110 -36.63 -7.66 22.15
CA ALA E 110 -38.07 -7.89 22.21
C ALA E 110 -38.47 -8.69 23.44
N GLU E 111 -37.62 -9.62 23.89
CA GLU E 111 -37.97 -10.34 25.11
C GLU E 111 -38.01 -9.39 26.30
N VAL E 112 -36.98 -8.56 26.47
CA VAL E 112 -36.91 -7.71 27.66
C VAL E 112 -38.04 -6.68 27.68
N ALA E 113 -38.71 -6.45 26.56
CA ALA E 113 -39.84 -5.52 26.59
C ALA E 113 -41.17 -6.25 26.75
N LYS E 114 -41.29 -7.44 26.16
CA LYS E 114 -42.55 -8.19 26.23
C LYS E 114 -42.85 -8.63 27.66
N ASP E 115 -41.81 -8.87 28.46
CA ASP E 115 -42.00 -9.20 29.87
C ASP E 115 -42.12 -7.97 30.75
N LEU E 116 -41.72 -6.80 30.27
CA LEU E 116 -42.07 -5.56 30.95
C LEU E 116 -43.53 -5.15 30.70
N GLY E 117 -44.34 -6.04 30.15
CA GLY E 117 -45.71 -5.76 29.72
C GLY E 117 -45.86 -5.12 28.35
N ILE E 118 -44.94 -4.23 28.00
CA ILE E 118 -44.98 -3.32 26.85
C ILE E 118 -45.52 -3.96 25.57
N LEU E 119 -46.42 -3.26 24.87
CA LEU E 119 -46.77 -3.66 23.51
C LEU E 119 -45.56 -3.50 22.60
N THR E 120 -45.22 -4.58 21.88
CA THR E 120 -43.90 -4.74 21.27
C THR E 120 -44.06 -5.05 19.80
N VAL E 121 -43.66 -4.11 18.95
CA VAL E 121 -43.85 -4.21 17.50
C VAL E 121 -42.49 -4.15 16.81
N ALA E 122 -42.20 -5.14 15.98
CA ALA E 122 -40.94 -5.20 15.25
C ALA E 122 -41.17 -4.86 13.78
N VAL E 123 -40.27 -4.05 13.23
CA VAL E 123 -40.30 -3.63 11.83
C VAL E 123 -38.90 -3.88 11.31
N VAL E 124 -38.74 -4.91 10.48
CA VAL E 124 -37.43 -5.38 10.06
C VAL E 124 -37.37 -5.47 8.54
N THR E 125 -36.15 -5.29 8.00
CA THR E 125 -35.95 -5.58 6.59
C THR E 125 -35.32 -6.95 6.42
N LYS E 126 -35.68 -7.60 5.32
CA LYS E 126 -35.00 -8.72 4.68
C LYS E 126 -33.95 -8.18 3.73
N PRO E 127 -32.79 -8.82 3.63
CA PRO E 127 -31.70 -8.28 2.80
C PRO E 127 -31.94 -8.48 1.31
N PHE E 128 -31.22 -7.70 0.51
CA PHE E 128 -31.29 -7.86 -0.93
C PHE E 128 -30.85 -9.26 -1.35
N ASN E 129 -31.48 -9.79 -2.40
CA ASN E 129 -31.10 -11.12 -2.89
C ASN E 129 -29.62 -11.16 -3.26
N PHE E 130 -29.13 -10.11 -3.90
CA PHE E 130 -27.73 -10.05 -4.26
C PHE E 130 -26.84 -9.84 -3.04
N GLU E 131 -27.34 -10.10 -1.84
CA GLU E 131 -26.49 -10.09 -0.66
C GLU E 131 -26.02 -11.48 -0.27
N GLY E 132 -26.44 -12.50 -1.01
CA GLY E 132 -26.00 -13.85 -0.76
C GLY E 132 -27.11 -14.62 -0.07
N LYS E 133 -27.34 -15.85 -0.55
CA LYS E 133 -28.30 -16.76 0.07
C LYS E 133 -27.98 -17.06 1.54
N LYS E 134 -26.74 -16.84 1.98
CA LYS E 134 -26.39 -17.05 3.38
C LYS E 134 -26.93 -15.91 4.25
N ARG E 135 -26.86 -14.67 3.76
CA ARG E 135 -27.50 -13.54 4.43
C ARG E 135 -29.00 -13.79 4.59
N MET E 136 -29.66 -14.17 3.51
CA MET E 136 -31.10 -14.37 3.58
C MET E 136 -31.44 -15.48 4.55
N ALA E 137 -30.65 -16.56 4.51
CA ALA E 137 -30.83 -17.69 5.42
C ALA E 137 -30.85 -17.26 6.87
N PHE E 138 -29.84 -16.49 7.28
CA PHE E 138 -29.77 -16.13 8.68
C PHE E 138 -30.85 -15.11 9.04
N ALA E 139 -31.16 -14.19 8.11
CA ALA E 139 -32.29 -13.28 8.30
C ALA E 139 -33.57 -14.05 8.64
N GLU E 140 -33.96 -14.99 7.78
CA GLU E 140 -35.25 -15.67 7.96
C GLU E 140 -35.26 -16.45 9.27
N GLN E 141 -34.13 -17.03 9.62
CA GLN E 141 -34.04 -17.82 10.84
C GLN E 141 -34.16 -16.94 12.09
N GLY E 142 -33.74 -15.69 11.98
CA GLY E 142 -33.78 -14.76 13.10
C GLY E 142 -35.09 -14.01 13.15
N ILE E 143 -35.76 -13.88 11.99
CA ILE E 143 -37.13 -13.39 11.98
C ILE E 143 -38.02 -14.35 12.75
N THR E 144 -38.04 -15.63 12.34
CA THR E 144 -38.88 -16.60 13.03
C THR E 144 -38.51 -16.74 14.49
N GLU E 145 -37.27 -16.47 14.86
CA GLU E 145 -36.93 -16.44 16.27
C GLU E 145 -37.51 -15.19 16.94
N LEU E 146 -37.51 -14.07 16.22
CA LEU E 146 -38.02 -12.83 16.77
C LEU E 146 -39.55 -12.82 16.90
N SER E 147 -40.25 -13.63 16.11
CA SER E 147 -41.70 -13.66 16.16
C SER E 147 -42.23 -14.25 17.47
N LYS E 148 -41.41 -15.00 18.19
CA LYS E 148 -41.79 -15.60 19.46
C LYS E 148 -41.59 -14.65 20.61
N HIS E 149 -41.46 -13.36 20.34
CA HIS E 149 -41.24 -12.40 21.44
C HIS E 149 -41.84 -11.04 21.14
N VAL E 150 -42.62 -10.88 20.08
CA VAL E 150 -43.24 -9.61 19.74
C VAL E 150 -44.76 -9.81 19.63
N ASP E 151 -45.48 -8.71 19.57
CA ASP E 151 -46.90 -8.81 19.33
C ASP E 151 -47.20 -8.82 17.84
N SER E 152 -46.53 -7.96 17.07
CA SER E 152 -46.60 -7.93 15.62
C SER E 152 -45.19 -7.77 15.07
N LEU E 153 -44.93 -8.45 13.95
CA LEU E 153 -43.62 -8.41 13.30
C LEU E 153 -43.82 -7.94 11.87
N ILE E 154 -43.58 -6.64 11.64
CA ILE E 154 -43.72 -6.06 10.31
C ILE E 154 -42.45 -6.38 9.51
N THR E 155 -42.62 -7.17 8.47
CA THR E 155 -41.50 -7.65 7.68
C THR E 155 -41.60 -7.00 6.31
N ILE E 156 -40.52 -6.34 5.88
CA ILE E 156 -40.47 -5.62 4.62
C ILE E 156 -39.28 -6.12 3.81
N PRO E 157 -39.51 -6.99 2.83
CA PRO E 157 -38.40 -7.49 2.01
C PRO E 157 -37.78 -6.37 1.18
N ASN E 158 -36.44 -6.22 1.27
CA ASN E 158 -35.76 -5.22 0.46
C ASN E 158 -35.92 -5.52 -1.03
N ASP E 159 -36.02 -6.79 -1.40
CA ASP E 159 -36.30 -7.13 -2.79
C ASP E 159 -37.65 -6.58 -3.25
N LYS E 160 -38.56 -6.28 -2.32
CA LYS E 160 -39.75 -5.55 -2.70
C LYS E 160 -39.42 -4.10 -2.99
N LEU E 161 -38.48 -3.54 -2.21
CA LEU E 161 -38.02 -2.18 -2.44
C LEU E 161 -37.45 -2.00 -3.83
N LEU E 162 -36.89 -3.05 -4.41
CA LEU E 162 -36.19 -2.91 -5.68
C LEU E 162 -37.10 -2.34 -6.75
N LYS E 163 -38.33 -2.84 -6.84
CA LYS E 163 -39.21 -2.50 -7.95
C LYS E 163 -39.63 -1.05 -7.97
N VAL E 164 -39.37 -0.29 -6.90
CA VAL E 164 -39.61 1.15 -6.86
C VAL E 164 -38.31 1.95 -6.96
N LEU E 165 -37.16 1.29 -7.07
CA LEU E 165 -35.88 1.96 -7.16
C LEU E 165 -35.51 2.20 -8.61
N GLY E 166 -35.03 3.41 -8.89
CA GLY E 166 -34.65 3.76 -10.23
C GLY E 166 -33.44 2.97 -10.71
N ARG E 167 -33.30 2.92 -12.03
CA ARG E 167 -32.14 2.29 -12.66
C ARG E 167 -30.90 3.10 -12.36
N GLY E 168 -29.87 2.44 -11.87
CA GLY E 168 -28.66 3.16 -11.53
C GLY E 168 -28.71 3.89 -10.22
N ILE E 169 -29.61 3.51 -9.32
CA ILE E 169 -29.67 4.12 -8.00
C ILE E 169 -28.36 3.88 -7.26
N SER E 170 -27.83 4.94 -6.65
CA SER E 170 -26.68 4.79 -5.78
C SER E 170 -27.02 3.84 -4.64
N LEU E 171 -26.03 3.10 -4.18
CA LEU E 171 -26.20 2.28 -2.98
C LEU E 171 -26.55 3.14 -1.78
N LEU E 172 -26.03 4.38 -1.74
CA LEU E 172 -26.38 5.31 -0.67
C LEU E 172 -27.87 5.65 -0.70
N ASP E 173 -28.45 5.75 -1.90
CA ASP E 173 -29.85 6.14 -1.97
C ASP E 173 -30.75 4.94 -1.76
N ALA E 174 -30.29 3.74 -2.14
CA ALA E 174 -31.14 2.56 -2.00
C ALA E 174 -31.31 2.15 -0.53
N PHE E 175 -30.25 2.29 0.27
CA PHE E 175 -30.41 2.12 1.70
C PHE E 175 -31.06 3.33 2.37
N GLY E 176 -30.94 4.51 1.76
CA GLY E 176 -31.78 5.62 2.19
C GLY E 176 -33.25 5.30 1.98
N ALA E 177 -33.57 4.66 0.85
CA ALA E 177 -34.90 4.14 0.61
C ALA E 177 -35.29 3.11 1.67
N ALA E 178 -34.32 2.36 2.18
CA ALA E 178 -34.68 1.36 3.18
C ALA E 178 -34.90 2.00 4.54
N ASN E 179 -34.12 3.03 4.88
CA ASN E 179 -34.42 3.79 6.09
C ASN E 179 -35.83 4.39 6.01
N ASP E 180 -36.26 4.78 4.80
CA ASP E 180 -37.56 5.43 4.70
C ASP E 180 -38.69 4.46 5.02
N VAL E 181 -38.59 3.21 4.54
CA VAL E 181 -39.73 2.33 4.70
C VAL E 181 -39.86 1.87 6.15
N LEU E 182 -38.76 1.74 6.88
CA LEU E 182 -38.87 1.46 8.32
C LEU E 182 -39.51 2.64 9.04
N LYS E 183 -38.97 3.85 8.80
CA LYS E 183 -39.56 5.06 9.37
C LYS E 183 -41.04 5.12 9.09
N GLY E 184 -41.46 4.66 7.92
CA GLY E 184 -42.86 4.72 7.55
C GLY E 184 -43.74 3.83 8.37
N ALA E 185 -43.20 2.71 8.87
CA ALA E 185 -43.98 1.78 9.70
C ALA E 185 -44.15 2.30 11.11
N VAL E 186 -43.05 2.75 11.71
CA VAL E 186 -43.06 3.44 12.99
C VAL E 186 -44.00 4.63 12.90
N GLN E 187 -43.61 5.66 12.13
CA GLN E 187 -44.42 6.86 12.01
C GLN E 187 -45.83 6.58 11.50
N GLY E 188 -46.03 5.46 10.78
CA GLY E 188 -47.36 5.11 10.35
C GLY E 188 -48.24 4.67 11.50
N ILE E 189 -47.72 3.77 12.34
CA ILE E 189 -48.48 3.34 13.53
C ILE E 189 -48.43 4.42 14.60
N ALA E 190 -47.24 4.97 14.86
CA ALA E 190 -47.05 5.89 15.99
C ALA E 190 -47.97 7.10 15.90
N GLU E 191 -48.12 7.69 14.72
CA GLU E 191 -48.77 9.00 14.67
C GLU E 191 -50.26 8.95 14.92
N LEU E 192 -50.88 7.75 14.82
CA LEU E 192 -52.27 7.61 15.22
C LEU E 192 -52.46 8.04 16.67
N ILE E 193 -51.41 7.91 17.47
CA ILE E 193 -51.44 8.28 18.87
C ILE E 193 -50.85 9.66 19.11
N THR E 194 -49.73 9.99 18.48
CA THR E 194 -49.05 11.25 18.78
C THR E 194 -49.60 12.43 18.00
N ARG E 195 -50.22 12.18 16.84
CA ARG E 195 -50.72 13.26 15.98
C ARG E 195 -52.15 13.00 15.48
N PRO E 196 -53.08 12.67 16.37
CA PRO E 196 -54.42 12.33 15.90
C PRO E 196 -55.13 13.53 15.30
N GLY E 197 -56.05 13.24 14.39
CA GLY E 197 -56.85 14.27 13.77
C GLY E 197 -58.28 14.09 14.17
N LEU E 198 -59.20 14.24 13.21
CA LEU E 198 -60.65 14.20 13.47
C LEU E 198 -61.03 12.97 14.29
N MET E 199 -60.99 11.83 13.62
CA MET E 199 -61.26 10.52 14.20
C MET E 199 -60.01 10.05 14.94
N ASN E 200 -59.88 10.43 16.20
CA ASN E 200 -58.84 9.84 17.01
C ASN E 200 -59.15 8.37 17.23
N VAL E 201 -58.10 7.60 17.45
CA VAL E 201 -58.21 6.21 17.85
C VAL E 201 -57.54 6.11 19.22
N ASP E 202 -57.89 5.07 19.96
CA ASP E 202 -57.37 4.95 21.32
C ASP E 202 -56.08 4.16 21.33
N PHE E 203 -55.50 4.01 22.52
CA PHE E 203 -54.45 3.02 22.70
C PHE E 203 -55.00 1.60 22.73
N ALA E 204 -56.29 1.42 23.00
CA ALA E 204 -56.84 0.10 23.25
C ALA E 204 -57.08 -0.66 21.94
N ASP E 205 -57.60 0.01 20.91
CA ASP E 205 -57.85 -0.68 19.64
C ASP E 205 -56.55 -0.99 18.91
N VAL E 206 -55.52 -0.15 19.04
CA VAL E 206 -54.22 -0.50 18.51
C VAL E 206 -53.73 -1.78 19.17
N ARG E 207 -53.61 -1.75 20.50
CA ARG E 207 -53.27 -2.93 21.25
C ARG E 207 -54.12 -4.13 20.82
N THR E 208 -55.41 -3.90 20.59
CA THR E 208 -56.32 -4.99 20.25
C THR E 208 -55.95 -5.64 18.92
N VAL E 209 -55.70 -4.82 17.90
CA VAL E 209 -55.36 -5.33 16.57
C VAL E 209 -53.89 -5.70 16.42
N MET E 210 -53.06 -5.46 17.43
CA MET E 210 -51.63 -5.74 17.29
C MET E 210 -51.05 -6.63 18.37
N SER E 211 -51.70 -6.79 19.52
CA SER E 211 -51.11 -7.56 20.59
C SER E 211 -51.20 -9.06 20.28
N GLU E 212 -50.09 -9.76 20.52
CA GLU E 212 -49.98 -11.21 20.30
C GLU E 212 -50.58 -11.63 18.96
N MET E 213 -50.20 -10.89 17.91
CA MET E 213 -50.74 -11.17 16.58
C MET E 213 -49.78 -11.91 15.67
N GLY E 214 -48.48 -11.82 15.94
CA GLY E 214 -47.51 -12.52 15.10
C GLY E 214 -47.13 -11.69 13.87
N TYR E 215 -47.06 -12.34 12.72
CA TYR E 215 -46.48 -11.70 11.55
C TYR E 215 -47.38 -10.60 10.99
N ALA E 216 -46.75 -9.49 10.60
CA ALA E 216 -47.45 -8.37 9.97
C ALA E 216 -46.77 -7.98 8.66
N MET E 217 -47.55 -7.34 7.80
CA MET E 217 -47.03 -6.63 6.64
C MET E 217 -47.80 -5.33 6.49
N MET E 218 -47.36 -4.50 5.56
CA MET E 218 -47.77 -3.11 5.55
C MET E 218 -47.79 -2.56 4.13
N GLY E 219 -48.61 -1.52 3.91
CA GLY E 219 -48.75 -0.87 2.62
C GLY E 219 -49.15 0.58 2.82
N SER E 220 -48.97 1.38 1.78
CA SER E 220 -49.31 2.80 1.87
C SER E 220 -49.54 3.38 0.49
N GLY E 221 -50.40 4.40 0.47
CA GLY E 221 -50.81 5.03 -0.78
C GLY E 221 -51.02 6.52 -0.58
N VAL E 222 -50.84 7.27 -1.67
CA VAL E 222 -50.88 8.73 -1.63
C VAL E 222 -51.74 9.19 -2.81
N ALA E 223 -52.70 10.06 -2.53
CA ALA E 223 -53.55 10.51 -3.61
C ALA E 223 -53.93 11.96 -3.35
N SER E 224 -54.04 12.70 -4.45
CA SER E 224 -54.46 14.11 -4.45
C SER E 224 -55.75 14.28 -5.24
N GLY E 225 -56.48 15.33 -4.89
CA GLY E 225 -57.60 15.78 -5.69
C GLY E 225 -58.94 15.30 -5.19
N GLU E 226 -59.90 15.24 -6.14
CA GLU E 226 -61.28 15.00 -5.77
C GLU E 226 -61.51 13.54 -5.34
N ASP E 227 -60.74 12.61 -5.89
CA ASP E 227 -60.95 11.19 -5.59
C ASP E 227 -59.93 10.64 -4.61
N ARG E 228 -59.21 11.53 -3.91
CA ARG E 228 -58.05 11.13 -3.11
C ARG E 228 -58.36 9.99 -2.15
N ALA E 229 -59.55 9.99 -1.55
CA ALA E 229 -59.85 9.04 -0.48
C ALA E 229 -59.74 7.61 -0.98
N GLU E 230 -60.45 7.28 -2.05
CA GLU E 230 -60.44 5.90 -2.48
C GLU E 230 -59.20 5.57 -3.32
N GLU E 231 -58.68 6.52 -4.10
CA GLU E 231 -57.46 6.25 -4.88
C GLU E 231 -56.30 5.88 -3.97
N ALA E 232 -56.20 6.51 -2.80
CA ALA E 232 -55.10 6.21 -1.89
C ALA E 232 -55.31 4.90 -1.15
N ALA E 233 -56.57 4.57 -0.84
CA ALA E 233 -56.85 3.27 -0.23
C ALA E 233 -56.42 2.13 -1.15
N GLU E 234 -56.66 2.27 -2.46
CA GLU E 234 -56.43 1.19 -3.41
C GLU E 234 -54.94 1.01 -3.67
N MET E 235 -54.23 2.12 -3.82
CA MET E 235 -52.78 2.05 -3.95
C MET E 235 -52.16 1.33 -2.76
N ALA E 236 -52.70 1.57 -1.56
CA ALA E 236 -52.07 0.96 -0.40
C ALA E 236 -52.27 -0.55 -0.39
N ILE E 237 -53.46 -1.00 -0.78
CA ILE E 237 -53.74 -2.44 -0.85
C ILE E 237 -53.02 -3.10 -2.03
N SER E 238 -52.48 -2.31 -2.95
CA SER E 238 -51.69 -2.75 -4.10
C SER E 238 -50.19 -2.54 -3.87
N SER E 239 -49.79 -2.19 -2.66
CA SER E 239 -48.39 -1.87 -2.44
C SER E 239 -47.54 -3.10 -2.75
N PRO E 240 -46.37 -2.93 -3.39
CA PRO E 240 -45.45 -4.06 -3.49
C PRO E 240 -45.08 -4.60 -2.14
N LEU E 241 -45.01 -3.72 -1.13
CA LEU E 241 -44.68 -4.16 0.22
C LEU E 241 -45.74 -5.11 0.80
N LEU E 242 -46.99 -5.04 0.32
CA LEU E 242 -48.07 -5.91 0.78
C LEU E 242 -48.40 -7.04 -0.18
N GLU E 243 -47.77 -7.08 -1.37
CA GLU E 243 -48.19 -8.01 -2.42
C GLU E 243 -47.92 -9.48 -2.08
N ASP E 244 -47.22 -9.78 -0.98
CA ASP E 244 -46.95 -11.17 -0.68
C ASP E 244 -48.12 -11.85 -0.01
N ILE E 245 -48.99 -11.10 0.65
CA ILE E 245 -50.18 -11.68 1.29
C ILE E 245 -51.41 -11.36 0.46
N ASP E 246 -52.55 -11.89 0.89
CA ASP E 246 -53.86 -11.40 0.49
C ASP E 246 -54.52 -10.82 1.73
N LEU E 247 -54.89 -9.54 1.69
CA LEU E 247 -55.55 -8.92 2.84
C LEU E 247 -56.76 -9.69 3.35
N SER E 248 -57.33 -10.60 2.54
CA SER E 248 -58.34 -11.54 3.02
C SER E 248 -57.85 -12.27 4.25
N GLY E 249 -56.64 -12.80 4.19
CA GLY E 249 -56.20 -13.74 5.20
C GLY E 249 -55.44 -13.11 6.33
N ALA E 250 -55.97 -12.00 6.86
CA ALA E 250 -55.35 -11.29 7.96
C ALA E 250 -56.32 -11.20 9.13
N ARG E 251 -55.84 -11.57 10.32
CA ARG E 251 -56.67 -11.50 11.50
C ARG E 251 -56.89 -10.05 11.94
N GLY E 252 -56.10 -9.11 11.45
CA GLY E 252 -56.28 -7.72 11.81
C GLY E 252 -55.86 -6.83 10.68
N VAL E 253 -56.45 -5.63 10.64
CA VAL E 253 -56.03 -4.57 9.74
C VAL E 253 -56.07 -3.26 10.53
N LEU E 254 -54.96 -2.53 10.53
CA LEU E 254 -54.88 -1.21 11.15
C LEU E 254 -54.65 -0.16 10.08
N VAL E 255 -55.57 0.79 9.98
CA VAL E 255 -55.53 1.78 8.91
C VAL E 255 -55.36 3.16 9.52
N ASN E 256 -54.32 3.87 9.05
CA ASN E 256 -54.06 5.27 9.36
C ASN E 256 -54.41 6.12 8.14
N ILE E 257 -55.14 7.20 8.35
CA ILE E 257 -55.43 8.18 7.32
C ILE E 257 -54.75 9.49 7.72
N THR E 258 -53.91 10.00 6.84
CA THR E 258 -53.13 11.21 7.05
C THR E 258 -53.60 12.25 6.05
N ALA E 259 -53.86 13.46 6.53
CA ALA E 259 -54.39 14.52 5.69
C ALA E 259 -54.17 15.85 6.40
N GLY E 260 -54.51 16.92 5.71
CA GLY E 260 -54.52 18.22 6.36
C GLY E 260 -55.82 18.43 7.11
N PHE E 261 -56.31 19.66 7.09
CA PHE E 261 -57.55 19.98 7.79
C PHE E 261 -58.80 19.68 6.96
N ASP E 262 -58.63 19.21 5.72
CA ASP E 262 -59.69 19.17 4.72
C ASP E 262 -60.39 17.81 4.59
N LEU E 263 -60.35 16.98 5.64
CA LEU E 263 -60.86 15.62 5.58
C LEU E 263 -62.28 15.52 6.12
N ARG E 264 -63.20 15.00 5.32
CA ARG E 264 -64.61 14.90 5.69
C ARG E 264 -64.98 13.47 6.08
N LEU E 265 -65.96 13.34 6.97
CA LEU E 265 -66.34 12.04 7.50
C LEU E 265 -66.70 11.04 6.40
N ASP E 266 -67.11 11.51 5.22
CA ASP E 266 -67.46 10.56 4.17
C ASP E 266 -66.21 9.88 3.61
N GLU E 267 -65.19 10.67 3.27
CA GLU E 267 -63.88 10.11 2.91
C GLU E 267 -63.38 9.12 3.94
N PHE E 268 -63.65 9.37 5.23
CA PHE E 268 -63.30 8.40 6.27
C PHE E 268 -64.07 7.10 6.13
N GLU E 269 -65.36 7.19 5.76
CA GLU E 269 -66.11 5.95 5.58
C GLU E 269 -65.79 5.30 4.25
N THR E 270 -65.48 6.09 3.21
CA THR E 270 -65.04 5.50 1.94
C THR E 270 -63.85 4.58 2.15
N VAL E 271 -62.72 5.15 2.60
CA VAL E 271 -61.51 4.38 2.86
C VAL E 271 -61.84 3.15 3.70
N GLY E 272 -62.54 3.36 4.81
CA GLY E 272 -62.93 2.24 5.63
C GLY E 272 -63.77 1.22 4.88
N ASN E 273 -64.55 1.68 3.90
CA ASN E 273 -65.37 0.73 3.17
C ASN E 273 -64.52 -0.13 2.25
N THR E 274 -63.79 0.51 1.32
CA THR E 274 -62.94 -0.27 0.43
C THR E 274 -61.96 -1.14 1.23
N ILE E 275 -61.51 -0.67 2.39
CA ILE E 275 -60.73 -1.55 3.26
C ILE E 275 -61.58 -2.71 3.76
N ARG E 276 -62.79 -2.41 4.27
CA ARG E 276 -63.69 -3.48 4.67
C ARG E 276 -63.98 -4.42 3.50
N ALA E 277 -64.12 -3.85 2.30
CA ALA E 277 -64.35 -4.65 1.10
C ALA E 277 -63.23 -5.64 0.80
N PHE E 278 -62.01 -5.41 1.30
CA PHE E 278 -60.91 -6.30 0.99
C PHE E 278 -60.52 -7.20 2.16
N ALA E 279 -61.02 -6.96 3.36
CA ALA E 279 -60.71 -7.84 4.47
C ALA E 279 -61.67 -9.03 4.52
N SER E 280 -61.24 -10.08 5.21
CA SER E 280 -62.18 -11.09 5.66
C SER E 280 -63.25 -10.46 6.55
N ASP E 281 -64.46 -11.03 6.53
CA ASP E 281 -65.50 -10.48 7.39
C ASP E 281 -65.18 -10.70 8.86
N ASN E 282 -64.29 -11.64 9.17
CA ASN E 282 -63.88 -11.96 10.53
C ASN E 282 -62.64 -11.19 10.98
N ALA E 283 -62.36 -10.02 10.41
CA ALA E 283 -61.15 -9.28 10.74
C ALA E 283 -61.50 -8.06 11.59
N THR E 284 -60.82 -7.93 12.73
CA THR E 284 -60.86 -6.67 13.46
C THR E 284 -60.16 -5.60 12.65
N VAL E 285 -60.85 -4.49 12.38
CA VAL E 285 -60.41 -3.50 11.41
C VAL E 285 -60.49 -2.13 12.08
N VAL E 286 -59.38 -1.70 12.68
CA VAL E 286 -59.29 -0.39 13.30
C VAL E 286 -58.90 0.62 12.23
N ILE E 287 -59.50 1.80 12.27
CA ILE E 287 -59.25 2.86 11.31
C ILE E 287 -59.25 4.19 12.05
N GLY E 288 -58.14 4.93 11.96
CA GLY E 288 -58.01 6.21 12.62
C GLY E 288 -57.59 7.27 11.63
N THR E 289 -57.37 8.48 12.15
CA THR E 289 -56.82 9.55 11.32
C THR E 289 -55.55 10.12 11.94
N SER E 290 -54.87 10.94 11.15
CA SER E 290 -53.67 11.63 11.63
C SER E 290 -53.50 12.92 10.85
N LEU E 291 -52.78 13.86 11.47
CA LEU E 291 -52.77 15.26 11.06
C LEU E 291 -51.41 15.65 10.49
N ASP E 292 -51.42 16.19 9.27
CA ASP E 292 -50.25 16.82 8.65
C ASP E 292 -50.65 18.23 8.25
N PRO E 293 -50.22 19.24 9.01
CA PRO E 293 -50.83 20.58 8.86
C PRO E 293 -50.54 21.25 7.51
N ASP E 294 -49.72 20.67 6.65
CA ASP E 294 -49.47 21.24 5.34
C ASP E 294 -49.79 20.25 4.23
N MET E 295 -50.85 19.46 4.41
CA MET E 295 -51.38 18.61 3.38
C MET E 295 -52.67 19.28 2.89
N ASN E 296 -52.51 20.14 1.90
CA ASN E 296 -53.68 20.73 1.26
C ASN E 296 -54.20 19.77 0.21
N ASP E 297 -55.48 19.37 0.33
CA ASP E 297 -56.21 18.76 -0.77
C ASP E 297 -55.78 17.31 -0.99
N GLU E 298 -54.92 16.76 -0.14
CA GLU E 298 -54.36 15.45 -0.45
C GLU E 298 -54.54 14.54 0.74
N LEU E 299 -54.16 13.27 0.57
CA LEU E 299 -54.39 12.29 1.60
C LEU E 299 -53.46 11.10 1.40
N ARG E 300 -53.15 10.39 2.50
CA ARG E 300 -52.29 9.22 2.49
C ARG E 300 -52.93 8.15 3.38
N VAL E 301 -52.92 6.89 2.91
CA VAL E 301 -53.55 5.78 3.61
C VAL E 301 -52.48 4.74 3.86
N THR E 302 -52.12 4.53 5.12
CA THR E 302 -51.20 3.48 5.49
C THR E 302 -51.97 2.32 6.09
N VAL E 303 -51.66 1.12 5.62
CA VAL E 303 -52.33 -0.12 6.01
C VAL E 303 -51.30 -1.03 6.66
N VAL E 304 -51.67 -1.65 7.77
CA VAL E 304 -50.81 -2.61 8.46
C VAL E 304 -51.65 -3.86 8.67
N ALA E 305 -51.45 -4.87 7.82
CA ALA E 305 -52.12 -6.15 7.92
C ALA E 305 -51.47 -6.97 9.02
N THR E 306 -52.10 -7.06 10.18
CA THR E 306 -51.48 -7.79 11.27
C THR E 306 -52.05 -9.20 11.36
N GLY E 307 -51.40 -10.02 12.17
CA GLY E 307 -51.77 -11.41 12.31
C GLY E 307 -51.90 -12.15 11.01
N ILE E 308 -50.78 -12.29 10.27
CA ILE E 308 -50.74 -13.11 9.06
C ILE E 308 -50.14 -14.47 9.43
N GLY E 309 -50.36 -15.44 8.56
CA GLY E 309 -49.86 -16.78 8.79
C GLY E 309 -50.59 -17.50 9.90
N SER F 5 -33.96 15.89 1.44
CA SER F 5 -35.14 16.36 0.74
C SER F 5 -35.28 15.79 -0.66
N VAL F 6 -36.52 15.59 -1.11
CA VAL F 6 -36.80 15.12 -2.46
C VAL F 6 -37.80 16.10 -3.08
N PRO F 7 -37.59 16.60 -4.31
CA PRO F 7 -36.40 16.46 -5.15
C PRO F 7 -35.20 17.11 -4.50
N THR F 8 -34.02 16.80 -5.04
CA THR F 8 -32.77 17.34 -4.50
C THR F 8 -32.23 18.53 -5.27
N LYS F 9 -32.67 18.75 -6.51
CA LYS F 9 -32.28 19.91 -7.28
C LYS F 9 -33.52 20.53 -7.88
N LEU F 10 -33.67 21.85 -7.72
CA LEU F 10 -34.78 22.57 -8.31
C LEU F 10 -34.23 23.80 -9.02
N GLU F 11 -34.49 23.89 -10.32
CA GLU F 11 -33.78 24.84 -11.18
C GLU F 11 -34.78 25.69 -11.94
N VAL F 12 -34.51 27.00 -12.03
CA VAL F 12 -35.21 27.88 -12.97
C VAL F 12 -34.46 27.83 -14.31
N VAL F 13 -35.13 27.38 -15.36
CA VAL F 13 -34.47 27.27 -16.65
C VAL F 13 -34.95 28.37 -17.60
N ALA F 14 -36.03 28.11 -18.35
CA ALA F 14 -36.62 29.12 -19.24
C ALA F 14 -37.46 30.11 -18.44
N ALA F 15 -37.08 31.39 -18.48
CA ALA F 15 -37.72 32.44 -17.68
C ALA F 15 -38.12 33.63 -18.56
N THR F 16 -39.42 33.82 -18.73
CA THR F 16 -39.98 35.06 -19.29
C THR F 16 -40.26 36.04 -18.16
N PRO F 17 -40.53 37.31 -18.45
CA PRO F 17 -40.93 38.22 -17.35
C PRO F 17 -42.32 37.94 -16.82
N THR F 18 -43.20 37.30 -17.62
CA THR F 18 -44.52 36.90 -17.16
C THR F 18 -44.52 35.51 -16.54
N SER F 19 -43.71 34.56 -17.04
CA SER F 19 -43.82 33.18 -16.58
C SER F 19 -42.46 32.50 -16.53
N LEU F 20 -42.32 31.60 -15.56
CA LEU F 20 -41.12 30.79 -15.31
C LEU F 20 -41.35 29.37 -15.75
N LEU F 21 -40.25 28.64 -15.89
CA LEU F 21 -40.27 27.21 -16.16
C LEU F 21 -39.20 26.60 -15.27
N ILE F 22 -39.60 25.64 -14.43
CA ILE F 22 -38.71 25.03 -13.43
C ILE F 22 -38.40 23.58 -13.81
N SER F 23 -37.18 23.14 -13.53
CA SER F 23 -36.78 21.75 -13.76
C SER F 23 -36.13 21.18 -12.51
N TRP F 24 -36.43 19.90 -12.22
CA TRP F 24 -35.84 19.23 -11.07
C TRP F 24 -35.20 17.90 -11.51
N ASP F 25 -34.58 17.20 -10.56
CA ASP F 25 -33.81 15.98 -10.80
C ASP F 25 -34.68 14.72 -10.71
N ALA F 26 -34.30 13.69 -11.44
CA ALA F 26 -35.07 12.44 -11.41
C ALA F 26 -35.00 11.80 -10.02
N PRO F 27 -36.03 11.06 -9.62
CA PRO F 27 -36.10 10.52 -8.26
C PRO F 27 -35.46 9.14 -8.14
N ALA F 28 -34.95 8.89 -6.93
CA ALA F 28 -34.39 7.57 -6.66
C ALA F 28 -35.49 6.54 -6.41
N VAL F 29 -36.58 6.97 -5.77
CA VAL F 29 -37.73 6.13 -5.48
C VAL F 29 -38.95 6.71 -6.19
N THR F 30 -39.86 5.81 -6.55
CA THR F 30 -41.01 6.16 -7.39
C THR F 30 -41.82 7.29 -6.75
N VAL F 31 -42.11 8.32 -7.51
CA VAL F 31 -42.94 9.43 -7.05
C VAL F 31 -44.33 9.30 -7.67
N SER F 32 -45.37 9.40 -6.84
CA SER F 32 -46.73 9.21 -7.36
C SER F 32 -47.24 10.47 -8.06
N TYR F 33 -47.04 11.63 -7.46
CA TYR F 33 -47.23 12.91 -8.12
C TYR F 33 -46.36 13.93 -7.40
N TYR F 34 -46.15 15.07 -8.05
CA TYR F 34 -45.47 16.20 -7.44
C TYR F 34 -46.49 17.30 -7.14
N ARG F 35 -46.28 18.01 -6.03
CA ARG F 35 -47.08 19.17 -5.65
C ARG F 35 -46.21 20.42 -5.72
N ILE F 36 -46.54 21.33 -6.66
CA ILE F 36 -45.79 22.58 -6.87
C ILE F 36 -46.63 23.75 -6.37
N THR F 37 -46.00 24.62 -5.58
CA THR F 37 -46.63 25.83 -5.06
C THR F 37 -45.72 27.02 -5.28
N TYR F 38 -46.31 28.22 -5.34
CA TYR F 38 -45.51 29.43 -5.50
C TYR F 38 -46.31 30.65 -5.01
N GLY F 39 -45.57 31.69 -4.64
CA GLY F 39 -46.16 32.93 -4.17
C GLY F 39 -45.10 34.00 -3.98
N GLU F 40 -45.57 35.23 -3.81
CA GLU F 40 -44.65 36.37 -3.66
C GLU F 40 -44.02 36.35 -2.27
N THR F 41 -42.70 36.17 -2.22
CA THR F 41 -41.96 36.03 -0.97
C THR F 41 -42.33 37.06 0.08
N GLY F 42 -43.12 36.65 1.07
CA GLY F 42 -43.69 37.55 2.06
C GLY F 42 -45.19 37.74 1.87
N GLY F 43 -45.84 36.73 1.32
CA GLY F 43 -47.24 36.84 0.99
C GLY F 43 -48.10 35.90 1.80
N ASN F 44 -49.15 36.45 2.42
CA ASN F 44 -50.07 35.68 3.24
C ASN F 44 -51.44 35.52 2.58
N SER F 45 -51.56 35.96 1.33
CA SER F 45 -52.59 35.41 0.46
C SER F 45 -52.16 34.00 0.10
N PRO F 46 -53.06 33.00 0.20
CA PRO F 46 -52.66 31.61 -0.02
C PRO F 46 -51.88 31.43 -1.31
N VAL F 47 -50.75 30.73 -1.21
CA VAL F 47 -50.00 30.36 -2.39
C VAL F 47 -50.89 29.58 -3.37
N GLN F 48 -50.47 29.57 -4.63
CA GLN F 48 -51.16 28.81 -5.67
C GLN F 48 -50.42 27.49 -5.91
N GLU F 49 -51.18 26.40 -6.04
CA GLU F 49 -50.64 25.08 -6.23
C GLU F 49 -51.19 24.43 -7.50
N PHE F 50 -50.43 23.47 -8.01
CA PHE F 50 -50.96 22.48 -8.94
C PHE F 50 -50.19 21.18 -8.73
N THR F 51 -50.68 20.11 -9.34
CA THR F 51 -50.25 18.74 -9.03
C THR F 51 -49.82 18.03 -10.31
N VAL F 52 -48.54 18.15 -10.66
CA VAL F 52 -48.00 17.58 -11.88
C VAL F 52 -47.68 16.12 -11.55
N PRO F 53 -47.85 15.18 -12.49
CA PRO F 53 -47.62 13.75 -12.18
C PRO F 53 -46.14 13.41 -11.94
N GLY F 54 -45.92 12.23 -11.35
CA GLY F 54 -44.59 11.82 -10.93
C GLY F 54 -43.62 11.59 -12.07
N SER F 55 -44.15 11.44 -13.29
CA SER F 55 -43.31 11.26 -14.47
C SER F 55 -42.64 12.54 -14.93
N LYS F 56 -43.26 13.68 -14.66
CA LYS F 56 -42.71 14.95 -15.13
C LYS F 56 -41.48 15.29 -14.31
N SER F 57 -40.49 15.91 -14.96
CA SER F 57 -39.33 16.46 -14.28
C SER F 57 -39.24 17.97 -14.47
N THR F 58 -40.29 18.59 -15.00
CA THR F 58 -40.38 20.03 -15.01
C THR F 58 -41.85 20.45 -14.99
N ALA F 59 -42.08 21.75 -14.84
CA ALA F 59 -43.46 22.23 -14.82
C ALA F 59 -43.47 23.67 -15.27
N THR F 60 -44.46 24.01 -16.08
CA THR F 60 -44.59 25.38 -16.54
C THR F 60 -45.40 26.18 -15.53
N ILE F 61 -44.84 27.29 -15.07
CA ILE F 61 -45.57 28.11 -14.11
C ILE F 61 -46.07 29.36 -14.83
N SER F 62 -47.32 29.28 -15.30
CA SER F 62 -47.91 30.32 -16.12
C SER F 62 -48.26 31.55 -15.29
N GLY F 63 -48.05 32.73 -15.88
CA GLY F 63 -48.55 33.97 -15.31
C GLY F 63 -47.98 34.36 -13.96
N LEU F 64 -47.08 35.34 -13.95
CA LEU F 64 -46.58 35.96 -12.74
C LEU F 64 -46.61 37.46 -13.02
N SER F 65 -45.82 38.22 -12.28
CA SER F 65 -45.75 39.64 -12.52
C SER F 65 -44.31 40.11 -12.37
N PRO F 66 -43.85 41.02 -13.22
CA PRO F 66 -42.42 41.31 -13.31
C PRO F 66 -41.89 41.96 -12.05
N GLY F 67 -40.56 42.06 -12.02
CA GLY F 67 -39.82 42.78 -11.00
C GLY F 67 -40.21 42.50 -9.57
N VAL F 68 -40.26 41.23 -9.16
CA VAL F 68 -40.63 40.92 -7.79
C VAL F 68 -40.16 39.51 -7.45
N ASP F 69 -39.71 39.33 -6.22
CA ASP F 69 -39.29 38.03 -5.73
C ASP F 69 -40.50 37.10 -5.56
N TYR F 70 -40.34 35.86 -6.03
CA TYR F 70 -41.30 34.79 -5.84
C TYR F 70 -40.60 33.62 -5.14
N THR F 71 -41.38 32.76 -4.49
CA THR F 71 -40.82 31.54 -3.92
C THR F 71 -41.60 30.35 -4.45
N ILE F 72 -40.87 29.31 -4.84
CA ILE F 72 -41.44 28.14 -5.50
C ILE F 72 -41.01 26.94 -4.69
N THR F 73 -41.97 26.14 -4.26
CA THR F 73 -41.76 24.93 -3.48
C THR F 73 -42.24 23.76 -4.31
N VAL F 74 -41.54 22.62 -4.22
CA VAL F 74 -41.91 21.43 -4.98
C VAL F 74 -41.92 20.21 -4.05
N TYR F 75 -43.05 19.51 -4.03
CA TYR F 75 -43.29 18.36 -3.14
C TYR F 75 -43.29 17.07 -3.94
N ALA F 76 -42.44 16.11 -3.55
CA ALA F 76 -42.66 14.71 -3.91
C ALA F 76 -43.70 14.09 -3.00
N ARG F 77 -44.71 13.48 -3.57
CA ARG F 77 -45.62 12.63 -2.80
C ARG F 77 -45.37 11.19 -3.25
N SER F 78 -44.76 10.41 -2.39
CA SER F 78 -44.34 9.07 -2.73
C SER F 78 -44.91 8.15 -1.67
N ALA F 79 -45.28 6.94 -2.08
CA ALA F 79 -45.80 5.99 -1.12
C ALA F 79 -44.74 5.55 -0.11
N TYR F 80 -43.46 5.75 -0.43
CA TYR F 80 -42.35 5.13 0.28
C TYR F 80 -41.51 6.10 1.10
N HIS F 81 -41.94 7.36 1.21
CA HIS F 81 -41.31 8.29 2.14
C HIS F 81 -42.22 9.50 2.35
N ARG F 82 -41.80 10.33 3.30
CA ARG F 82 -42.35 11.66 3.58
C ARG F 82 -41.25 12.72 3.51
N ARG F 83 -40.32 12.58 2.55
CA ARG F 83 -39.19 13.51 2.49
C ARG F 83 -39.69 14.94 2.30
N SER F 84 -39.02 15.86 2.97
CA SER F 84 -39.37 17.26 2.91
C SER F 84 -39.12 17.82 1.52
N PRO F 85 -39.77 18.94 1.17
CA PRO F 85 -39.66 19.48 -0.19
C PRO F 85 -38.43 20.36 -0.38
N ILE F 86 -38.24 20.77 -1.63
CA ILE F 86 -37.18 21.70 -1.98
C ILE F 86 -37.85 22.98 -2.47
N SER F 87 -37.21 24.12 -2.24
CA SER F 87 -37.79 25.39 -2.65
C SER F 87 -36.67 26.36 -3.09
N ILE F 88 -37.07 27.35 -3.90
CA ILE F 88 -36.17 28.34 -4.47
C ILE F 88 -36.83 29.72 -4.47
N ASN F 89 -35.99 30.75 -4.55
CA ASN F 89 -36.42 32.13 -4.70
C ASN F 89 -36.00 32.63 -6.08
N TYR F 90 -36.92 33.25 -6.80
CA TYR F 90 -36.57 33.88 -8.06
C TYR F 90 -37.15 35.28 -8.13
N ARG F 91 -36.27 36.26 -8.42
CA ARG F 91 -36.69 37.61 -8.79
C ARG F 91 -37.07 37.65 -10.26
N THR F 92 -38.30 38.07 -10.56
CA THR F 92 -38.73 38.19 -11.95
C THR F 92 -38.80 39.65 -12.38
PB GDP G . 59.78 -4.14 3.23
O1B GDP G . 60.88 -4.81 4.02
O2B GDP G . 59.64 -2.71 3.71
O3B GDP G . 58.52 -4.95 3.38
O3A GDP G . 60.18 -4.23 1.67
PA GDP G . 59.39 -3.34 0.59
O1A GDP G . 60.10 -2.01 0.49
O2A GDP G . 57.94 -3.18 1.03
O5' GDP G . 59.49 -4.15 -0.80
C5' GDP G . 59.09 -5.50 -0.99
C4' GDP G . 58.36 -5.69 -2.35
O4' GDP G . 57.26 -4.78 -2.44
C3' GDP G . 59.18 -5.44 -3.63
O3' GDP G . 59.83 -6.62 -4.10
C2' GDP G . 58.16 -4.91 -4.64
O2' GDP G . 57.55 -5.94 -5.45
C1' GDP G . 57.06 -4.34 -3.79
N9 GDP G . 57.13 -2.88 -3.74
C8 GDP G . 58.21 -2.12 -3.49
N7 GDP G . 57.88 -0.79 -3.48
C5 GDP G . 56.55 -0.73 -3.72
C6 GDP G . 55.52 0.32 -3.85
O6 GDP G . 55.84 1.52 -3.74
N1 GDP G . 54.26 -0.05 -4.10
C2 GDP G . 53.88 -1.32 -4.23
N2 GDP G . 52.59 -1.62 -4.49
N3 GDP G . 54.75 -2.34 -4.13
C4 GDP G . 56.06 -2.10 -3.88
PB GDP H . 16.86 -10.28 4.89
O1B GDP H . 17.97 -11.15 5.45
O2B GDP H . 16.97 -8.90 5.50
O3B GDP H . 15.51 -10.91 5.15
O3A GDP H . 17.08 -10.30 3.30
PA GDP H . 16.42 -9.19 2.37
O1A GDP H . 17.45 -8.10 2.10
O2A GDP H . 15.17 -8.68 3.07
O5' GDP H . 16.06 -9.95 1.01
C5' GDP H . 15.13 -11.01 1.00
C4' GDP H . 14.30 -10.92 -0.28
O4' GDP H . 13.52 -9.72 -0.22
C3' GDP H . 15.12 -10.80 -1.57
O3' GDP H . 15.44 -12.08 -2.16
C2' GDP H . 14.19 -9.99 -2.48
O2' GDP H . 13.25 -10.86 -3.13
C1' GDP H . 13.40 -9.13 -1.52
N9 GDP H . 13.89 -7.73 -1.44
C8 GDP H . 15.16 -7.30 -1.41
N7 GDP H . 15.23 -5.94 -1.31
C5 GDP H . 13.97 -5.48 -1.24
C6 GDP H . 13.31 -4.16 -1.12
O6 GDP H . 13.99 -3.12 -1.06
N1 GDP H . 11.97 -4.13 -1.09
C2 GDP H . 11.23 -5.23 -1.18
N2 GDP H . 9.89 -5.11 -1.14
N3 GDP H . 11.76 -6.46 -1.30
C4 GDP H . 13.09 -6.66 -1.33
PB GDP I . -25.76 -5.94 11.94
O1B GDP I . -24.84 -7.06 12.39
O2B GDP I . -25.45 -4.63 12.61
O3B GDP I . -27.19 -6.41 12.13
O3A GDP I . -25.53 -5.77 10.38
PA GDP I . -26.14 -4.55 9.55
O1A GDP I . -25.04 -3.57 9.16
O2A GDP I . -27.20 -3.77 10.29
O5' GDP I . -26.66 -5.35 8.25
C5' GDP I . -27.87 -6.11 8.28
C4' GDP I . -28.72 -5.86 7.02
O4' GDP I . -29.28 -4.56 7.13
C3' GDP I . -27.99 -5.83 5.67
O3' GDP I . -27.90 -7.10 5.03
C2' GDP I . -28.73 -4.79 4.82
O2' GDP I . -29.72 -5.31 3.93
C1' GDP I . -29.47 -3.95 5.83
N9 GDP I . -28.84 -2.62 5.85
C8 GDP I . -27.52 -2.37 5.73
N7 GDP I . -27.28 -1.03 5.79
C5 GDP I . -28.46 -0.41 5.97
C6 GDP I . -28.92 0.98 6.13
O6 GDP I . -28.09 1.92 6.10
N1 GDP I . -30.23 1.18 6.31
C2 GDP I . -31.13 0.18 6.33
N2 GDP I . -32.45 0.46 6.51
N3 GDP I . -30.77 -1.10 6.19
C4 GDP I . -29.48 -1.45 6.01
#